data_9JBZ
#
_entry.id   9JBZ
#
_cell.length_a   1.00
_cell.length_b   1.00
_cell.length_c   1.00
_cell.angle_alpha   90.00
_cell.angle_beta   90.00
_cell.angle_gamma   90.00
#
_symmetry.space_group_name_H-M   'P 1'
#
_entity_poly.entity_id   1
_entity_poly.type   'polypeptide(L)'
_entity_poly.pdbx_seq_one_letter_code
;MAAAAAVGNAVPCGARPCGVRPDGQPKPGPQPRALLAAGPALIANGDELVAAVWPYRRLALLRRLTVLPFAGLLYPAWLG
AAAAGCWGWGSSWVQIPEAALLVLATICLAHALTVLSGHWSVHAHCALTCTPEYDPSKATFVKVVPTPNNGSTELVALHR
NEGEDGLEVLSFEFQKIKYSYDALEKKQFLPVAFPVGNAFSYYQSNRGFQEDSEIRAAEKKFGSNKAEMVVPDFSELFKE
RATAPFFVFQVFCVGLWCLDEYWYYSVFTLSMLVAFEASLVQQQMRNMSEIRKMGNKPHMIQVYRSRKWRPIASDEIVPG
DIVSIGRSPQENLVPCDVLLLRGRCIVDEAMLTGESVPQMKEPIEDLSPDRVLDLQADSRLHVIFGGTKVVQHIPPQKAT
TGLKPVDSGCVAYVLRTGFNTSQGKLLRTILFGVKRVTANNLETFIFILFLLVFAIAAAAYVWIEGTKDPSRNRYKLFLE
CTLILTSVVPPELPIELSLAVNTSLIALAKLYMYCTEPFRIPFAGKVEVCCFDKTGTLTSDSLVVRGVAGLRDGKEVTPV
SSIPVETHRALASCHSLMQLDDGTLVGDPLEKAMLTAVDWTLTKDEKVFPRSIKTQGLKIHQRFHFASALKRMSVLASYE
KLGSTDLCYIAAVKGAPETLHSMFSQCPPDYHHIHTEISREGARVLALGYKELGHLTHQQAREVKREALECSLKFVGFIV
VSCPLKADSKAVIREIQNASHRVVMITGDNPLTACHVAQELHFIEKAHTLILQPPSEKGRQCEWRSIDGSIVLPLARGSP
KALALEYALCLTGDGLAHLQATDPQQLLRLIPHVQVFARVAPKQKEFVITSLKELGYVTLMCGDGTNDVGALKHADVGVA
LLANAPERVVERRRRPRDSPTLSNSGIRATSRTAKQRSGLPPSEEQPTSQRDRLSQVLRDLEDESTPIVKLGDASIAAPF
TSKLSSIQCICHVIKQGRCTLVTTLQMFKILALNALILAYSQSVLYLEGVKFSDFQATLQGLLLAGCFLFISRSKPLKTL
SRERPLPNIFNLYTILTVMLQFFVHFLSLVYLYREAQARSPEKQEQFVDLYKEFEPSLVNSTVYIMAMAMQMATFAINYK
GPPFMESLPENKPLVWSLAVSLLAIIGLLLGSSPDFNSQFGLVDIPVEFKLVIAQVLLLDFCLALLADRVLQFFLGTPKL
KVPS
;
_entity_poly.pdbx_strand_id   A
#
# COMPACT_ATOMS: atom_id res chain seq x y z
N GLY A 118 -22.51 13.72 8.15
CA GLY A 118 -22.56 14.24 6.79
C GLY A 118 -23.55 13.52 5.91
N HIS A 119 -23.49 12.18 5.94
CA HIS A 119 -24.41 11.39 5.12
C HIS A 119 -25.85 11.62 5.54
N TRP A 120 -26.11 11.71 6.84
CA TRP A 120 -27.45 12.04 7.30
C TRP A 120 -27.86 13.43 6.84
N SER A 121 -26.90 14.34 6.67
CA SER A 121 -27.21 15.66 6.15
C SER A 121 -27.48 15.62 4.65
N VAL A 122 -26.96 14.62 3.95
CA VAL A 122 -27.10 14.57 2.49
C VAL A 122 -28.55 14.37 2.11
N HIS A 123 -29.24 13.43 2.76
CA HIS A 123 -30.61 13.12 2.37
C HIS A 123 -31.57 14.25 2.68
N ALA A 124 -31.21 15.16 3.58
CA ALA A 124 -32.07 16.31 3.86
C ALA A 124 -32.23 17.16 2.62
N HIS A 125 -31.14 17.39 1.88
CA HIS A 125 -31.22 18.16 0.65
C HIS A 125 -32.11 17.47 -0.38
N CYS A 126 -31.99 16.14 -0.50
CA CYS A 126 -32.83 15.41 -1.43
C CYS A 126 -34.31 15.52 -1.04
N ALA A 127 -34.60 15.42 0.25
CA ALA A 127 -35.97 15.57 0.72
C ALA A 127 -36.50 16.96 0.42
N LEU A 128 -35.66 17.98 0.62
CA LEU A 128 -36.08 19.35 0.31
C LEU A 128 -36.37 19.52 -1.18
N THR A 129 -35.52 18.93 -2.04
CA THR A 129 -35.68 19.11 -3.48
C THR A 129 -36.96 18.46 -3.99
N CYS A 130 -37.18 17.19 -3.64
CA CYS A 130 -38.35 16.46 -4.09
C CYS A 130 -38.91 15.61 -2.96
N THR A 131 -40.23 15.45 -2.96
CA THR A 131 -40.90 14.65 -1.94
C THR A 131 -40.68 13.15 -2.20
N PRO A 132 -40.60 12.35 -1.15
CA PRO A 132 -40.42 10.91 -1.35
C PRO A 132 -41.64 10.29 -2.01
N GLU A 133 -41.39 9.21 -2.75
CA GLU A 133 -42.42 8.50 -3.49
C GLU A 133 -42.40 7.04 -3.10
N TYR A 134 -43.58 6.46 -2.93
CA TYR A 134 -43.73 5.05 -2.57
C TYR A 134 -44.35 4.21 -3.67
N ASP A 135 -45.25 4.79 -4.47
CA ASP A 135 -45.90 4.03 -5.53
C ASP A 135 -44.88 3.75 -6.65
N PRO A 136 -44.72 2.49 -7.05
CA PRO A 136 -43.68 2.16 -8.04
C PRO A 136 -44.04 2.48 -9.48
N SER A 137 -45.10 3.25 -9.72
CA SER A 137 -45.51 3.55 -11.10
C SER A 137 -44.46 4.39 -11.81
N LYS A 138 -44.05 5.50 -11.20
CA LYS A 138 -43.07 6.40 -11.81
C LYS A 138 -42.36 7.15 -10.68
N ALA A 139 -41.14 6.72 -10.38
CA ALA A 139 -40.36 7.31 -9.30
C ALA A 139 -39.29 8.23 -9.87
N THR A 140 -39.26 9.47 -9.38
CA THR A 140 -38.28 10.43 -9.87
C THR A 140 -36.88 10.07 -9.40
N PHE A 141 -36.74 9.58 -8.17
CA PHE A 141 -35.45 9.22 -7.63
C PHE A 141 -35.61 8.04 -6.70
N VAL A 142 -34.50 7.33 -6.46
CA VAL A 142 -34.48 6.17 -5.58
C VAL A 142 -33.36 6.34 -4.56
N LYS A 143 -33.68 6.23 -3.29
CA LYS A 143 -32.66 6.29 -2.24
C LYS A 143 -31.84 5.00 -2.26
N VAL A 144 -30.54 5.14 -2.01
CA VAL A 144 -29.60 4.02 -2.07
C VAL A 144 -29.20 3.64 -0.66
N VAL A 145 -29.39 2.38 -0.31
CA VAL A 145 -28.97 1.84 0.98
C VAL A 145 -27.50 1.44 0.89
N PRO A 146 -26.65 1.94 1.77
CA PRO A 146 -25.21 1.69 1.64
C PRO A 146 -24.75 0.33 2.12
N THR A 147 -25.43 -0.22 3.12
CA THR A 147 -25.07 -1.41 3.90
C THR A 147 -23.88 -1.09 4.79
N PRO A 148 -23.82 -1.64 6.00
CA PRO A 148 -22.79 -1.20 6.96
C PRO A 148 -21.37 -1.49 6.53
N ASN A 149 -21.15 -2.44 5.63
CA ASN A 149 -19.78 -2.82 5.28
C ASN A 149 -19.06 -1.71 4.54
N ASN A 150 -19.49 -1.40 3.32
CA ASN A 150 -18.83 -0.40 2.49
C ASN A 150 -19.90 0.51 1.91
N GLY A 151 -19.43 1.53 1.19
CA GLY A 151 -20.32 2.41 0.44
C GLY A 151 -20.68 3.67 1.20
N SER A 152 -21.48 4.50 0.53
CA SER A 152 -21.97 5.74 1.09
C SER A 152 -23.39 5.99 0.62
N THR A 153 -24.13 6.76 1.40
CA THR A 153 -25.50 7.12 1.03
C THR A 153 -25.48 8.11 -0.13
N GLU A 154 -26.26 7.81 -1.17
CA GLU A 154 -26.34 8.69 -2.33
C GLU A 154 -27.72 8.55 -2.95
N LEU A 155 -28.00 9.41 -3.93
CA LEU A 155 -29.25 9.41 -4.66
C LEU A 155 -28.97 9.27 -6.15
N VAL A 156 -29.73 8.40 -6.80
CA VAL A 156 -29.56 8.14 -8.22
C VAL A 156 -30.93 8.26 -8.90
N ALA A 157 -30.92 8.65 -10.17
CA ALA A 157 -32.14 8.85 -10.93
C ALA A 157 -32.40 7.65 -11.83
N LEU A 158 -33.63 7.14 -11.77
CA LEU A 158 -34.03 6.05 -12.65
C LEU A 158 -34.09 6.52 -14.10
N HIS A 159 -33.86 5.58 -15.01
CA HIS A 159 -33.83 5.87 -16.44
C HIS A 159 -34.96 5.12 -17.14
N ARG A 160 -35.77 5.85 -17.90
CA ARG A 160 -36.88 5.26 -18.64
C ARG A 160 -36.43 4.98 -20.07
N ASN A 161 -36.62 3.74 -20.52
CA ASN A 161 -36.21 3.30 -21.84
C ASN A 161 -37.40 2.68 -22.55
N GLU A 162 -37.55 2.99 -23.84
CA GLU A 162 -38.61 2.40 -24.63
C GLU A 162 -38.35 0.91 -24.85
N GLY A 163 -39.39 0.10 -24.71
CA GLY A 163 -39.29 -1.33 -24.83
C GLY A 163 -39.66 -1.80 -26.22
N GLU A 164 -38.71 -2.50 -26.86
CA GLU A 164 -38.98 -3.06 -28.19
C GLU A 164 -40.08 -4.10 -28.14
N ASP A 165 -40.09 -4.93 -27.10
CA ASP A 165 -41.12 -5.94 -26.91
C ASP A 165 -42.30 -5.43 -26.10
N GLY A 166 -42.32 -4.14 -25.76
CA GLY A 166 -43.38 -3.57 -24.96
C GLY A 166 -43.17 -3.62 -23.47
N LEU A 167 -41.99 -4.03 -23.00
CA LEU A 167 -41.69 -4.12 -21.58
C LEU A 167 -40.65 -3.06 -21.24
N GLU A 168 -40.95 -2.26 -20.22
CA GLU A 168 -40.02 -1.25 -19.72
C GLU A 168 -39.23 -1.80 -18.54
N VAL A 169 -37.99 -1.32 -18.42
CA VAL A 169 -37.07 -1.77 -17.38
C VAL A 169 -36.63 -0.56 -16.56
N LEU A 170 -36.72 -0.68 -15.24
CA LEU A 170 -36.25 0.33 -14.32
C LEU A 170 -34.83 -0.01 -13.87
N SER A 171 -33.92 0.94 -14.00
CA SER A 171 -32.52 0.69 -13.68
C SER A 171 -31.88 1.96 -13.13
N PHE A 172 -30.81 1.76 -12.37
CA PHE A 172 -30.04 2.87 -11.81
C PHE A 172 -28.60 2.43 -11.67
N GLU A 173 -27.70 3.41 -11.61
CA GLU A 173 -26.27 3.16 -11.53
C GLU A 173 -25.72 3.70 -10.22
N PHE A 174 -25.22 2.81 -9.37
CA PHE A 174 -24.59 3.18 -8.11
C PHE A 174 -23.23 2.52 -8.05
N GLN A 175 -22.18 3.33 -7.85
CA GLN A 175 -20.80 2.86 -7.81
C GLN A 175 -20.45 2.11 -9.09
N LYS A 176 -20.88 2.67 -10.23
CA LYS A 176 -20.68 2.08 -11.56
C LYS A 176 -21.20 0.65 -11.66
N ILE A 177 -22.22 0.32 -10.86
CA ILE A 177 -22.89 -0.97 -10.94
C ILE A 177 -24.34 -0.72 -11.31
N LYS A 178 -24.82 -1.41 -12.32
CA LYS A 178 -26.20 -1.26 -12.80
C LYS A 178 -27.06 -2.38 -12.23
N TYR A 179 -28.21 -2.01 -11.69
CA TYR A 179 -29.18 -2.97 -11.17
C TYR A 179 -30.48 -2.87 -11.95
N SER A 180 -31.31 -3.90 -11.82
CA SER A 180 -32.59 -3.96 -12.50
C SER A 180 -33.65 -4.48 -11.53
N TYR A 181 -34.90 -4.11 -11.80
CA TYR A 181 -36.05 -4.53 -11.00
C TYR A 181 -36.81 -5.60 -11.76
N ASP A 182 -36.69 -6.86 -11.32
CA ASP A 182 -37.29 -7.99 -12.01
C ASP A 182 -38.76 -8.08 -11.64
N ALA A 183 -39.59 -7.35 -12.38
CA ALA A 183 -41.03 -7.37 -12.13
C ALA A 183 -41.64 -8.73 -12.46
N LEU A 184 -41.01 -9.48 -13.36
CA LEU A 184 -41.60 -10.75 -13.80
C LEU A 184 -41.56 -11.80 -12.69
N GLU A 185 -40.40 -11.97 -12.04
CA GLU A 185 -40.20 -13.09 -11.13
C GLU A 185 -39.94 -12.65 -9.69
N LYS A 186 -38.96 -11.81 -9.44
CA LYS A 186 -38.52 -11.56 -8.08
C LYS A 186 -39.15 -10.33 -7.43
N LYS A 187 -39.62 -9.38 -8.23
CA LYS A 187 -40.25 -8.16 -7.72
C LYS A 187 -39.33 -7.41 -6.75
N GLN A 188 -38.05 -7.33 -7.10
CA GLN A 188 -37.10 -6.60 -6.28
C GLN A 188 -35.92 -6.19 -7.16
N PHE A 189 -35.12 -5.25 -6.64
CA PHE A 189 -33.95 -4.79 -7.37
C PHE A 189 -32.89 -5.88 -7.43
N LEU A 190 -32.37 -6.13 -8.62
CA LEU A 190 -31.35 -7.16 -8.83
C LEU A 190 -30.28 -6.62 -9.75
N PRO A 191 -29.05 -7.09 -9.60
CA PRO A 191 -27.98 -6.68 -10.53
C PRO A 191 -28.20 -7.26 -11.93
N VAL A 192 -27.58 -6.60 -12.90
CA VAL A 192 -27.75 -7.01 -14.30
C VAL A 192 -27.15 -8.39 -14.52
N ALA A 193 -27.90 -9.25 -15.20
CA ALA A 193 -27.47 -10.60 -15.48
C ALA A 193 -26.39 -10.61 -16.54
N PHE A 194 -25.48 -11.56 -16.43
CA PHE A 194 -24.33 -11.71 -17.31
C PHE A 194 -24.38 -13.03 -18.07
N PRO A 195 -23.52 -13.20 -19.09
CA PRO A 195 -23.42 -14.50 -19.76
C PRO A 195 -22.73 -15.55 -18.91
N VAL A 196 -22.50 -15.24 -17.63
CA VAL A 196 -21.88 -16.20 -16.71
C VAL A 196 -22.70 -17.47 -16.62
N GLY A 197 -24.02 -17.32 -16.50
CA GLY A 197 -24.92 -18.44 -16.35
C GLY A 197 -25.37 -19.09 -17.64
N ASN A 198 -24.83 -18.66 -18.78
CA ASN A 198 -25.24 -19.23 -20.06
C ASN A 198 -24.73 -20.66 -20.19
N ALA A 199 -25.46 -21.44 -20.99
CA ALA A 199 -25.07 -22.83 -21.24
C ALA A 199 -23.78 -22.88 -22.04
N PHE A 200 -22.98 -23.92 -21.77
CA PHE A 200 -21.68 -24.05 -22.43
C PHE A 200 -21.81 -24.34 -23.92
N SER A 201 -22.94 -24.87 -24.36
CA SER A 201 -23.12 -25.19 -25.78
C SER A 201 -23.39 -23.96 -26.63
N TYR A 202 -23.82 -22.84 -26.04
CA TYR A 202 -24.16 -21.66 -26.82
C TYR A 202 -22.94 -21.10 -27.55
N TYR A 203 -21.80 -21.05 -26.87
CA TYR A 203 -20.61 -20.42 -27.45
C TYR A 203 -20.02 -21.24 -28.59
N GLN A 204 -20.32 -22.54 -28.66
CA GLN A 204 -19.77 -23.37 -29.72
C GLN A 204 -20.26 -22.91 -31.09
N SER A 205 -21.55 -22.59 -31.19
CA SER A 205 -22.15 -22.15 -32.45
C SER A 205 -22.19 -20.63 -32.58
N ASN A 206 -21.68 -19.89 -31.60
CA ASN A 206 -21.72 -18.44 -31.66
C ASN A 206 -20.84 -17.92 -32.79
N ARG A 207 -21.37 -16.97 -33.54
CA ARG A 207 -20.64 -16.33 -34.63
C ARG A 207 -20.27 -14.88 -34.32
N GLY A 208 -20.64 -14.38 -33.13
CA GLY A 208 -20.35 -13.01 -32.76
C GLY A 208 -21.44 -12.05 -33.20
N PHE A 209 -21.25 -10.80 -32.82
CA PHE A 209 -22.22 -9.75 -33.15
C PHE A 209 -22.16 -9.45 -34.65
N GLN A 210 -23.33 -9.41 -35.29
CA GLN A 210 -23.41 -9.28 -36.73
C GLN A 210 -23.95 -7.93 -37.20
N GLU A 211 -24.71 -7.21 -36.38
CA GLU A 211 -25.24 -5.92 -36.75
C GLU A 211 -24.95 -4.92 -35.64
N ASP A 212 -24.79 -3.65 -36.03
CA ASP A 212 -24.42 -2.61 -35.09
C ASP A 212 -25.59 -2.15 -34.22
N SER A 213 -26.83 -2.43 -34.64
CA SER A 213 -27.99 -2.02 -33.84
C SER A 213 -27.98 -2.72 -32.50
N GLU A 214 -27.88 -4.04 -32.50
CA GLU A 214 -27.78 -4.74 -31.22
C GLU A 214 -26.44 -4.52 -30.55
N ILE A 215 -25.41 -4.09 -31.29
CA ILE A 215 -24.17 -3.68 -30.64
C ILE A 215 -24.42 -2.48 -29.74
N ARG A 216 -25.06 -1.45 -30.27
CA ARG A 216 -25.44 -0.30 -29.45
C ARG A 216 -26.39 -0.71 -28.33
N ALA A 217 -27.34 -1.59 -28.62
CA ALA A 217 -28.30 -2.02 -27.60
C ALA A 217 -27.59 -2.70 -26.43
N ALA A 218 -26.69 -3.64 -26.74
CA ALA A 218 -25.96 -4.34 -25.69
C ALA A 218 -25.03 -3.40 -24.94
N GLU A 219 -24.43 -2.44 -25.65
CA GLU A 219 -23.62 -1.43 -24.98
C GLU A 219 -24.47 -0.66 -23.97
N LYS A 220 -25.71 -0.37 -24.33
CA LYS A 220 -26.59 0.36 -23.41
C LYS A 220 -26.96 -0.50 -22.21
N LYS A 221 -27.41 -1.74 -22.44
CA LYS A 221 -28.01 -2.49 -21.33
C LYS A 221 -27.01 -3.36 -20.59
N PHE A 222 -25.75 -3.40 -21.02
CA PHE A 222 -24.69 -4.07 -20.29
C PHE A 222 -23.63 -3.12 -19.76
N GLY A 223 -23.51 -1.92 -20.32
CA GLY A 223 -22.45 -1.00 -19.97
C GLY A 223 -21.36 -0.95 -21.01
N SER A 224 -20.22 -0.40 -20.61
CA SER A 224 -19.06 -0.27 -21.48
C SER A 224 -17.81 -0.66 -20.70
N ASN A 225 -16.79 -1.08 -21.45
CA ASN A 225 -15.51 -1.50 -20.86
C ASN A 225 -14.62 -0.29 -20.59
N LYS A 226 -15.11 0.63 -19.77
CA LYS A 226 -14.39 1.85 -19.42
C LYS A 226 -13.94 1.77 -17.98
N ALA A 227 -12.63 1.90 -17.75
CA ALA A 227 -12.05 1.90 -16.41
C ALA A 227 -11.27 3.16 -16.11
N GLU A 228 -11.46 4.21 -16.91
CA GLU A 228 -10.64 5.42 -16.77
C GLU A 228 -11.19 6.33 -15.67
N MET A 229 -10.29 6.77 -14.79
CA MET A 229 -10.63 7.81 -13.83
C MET A 229 -10.82 9.18 -14.45
N VAL A 230 -11.70 9.96 -13.83
CA VAL A 230 -11.64 11.41 -13.84
C VAL A 230 -11.22 11.83 -12.44
N VAL A 231 -10.12 12.57 -12.35
CA VAL A 231 -9.61 13.00 -11.04
C VAL A 231 -10.68 13.84 -10.35
N PRO A 232 -10.88 13.69 -9.04
CA PRO A 232 -11.90 14.51 -8.37
C PRO A 232 -11.64 15.99 -8.57
N ASP A 233 -12.73 16.74 -8.74
CA ASP A 233 -12.64 18.13 -9.16
C ASP A 233 -11.89 18.96 -8.12
N PHE A 234 -11.12 19.93 -8.62
CA PHE A 234 -10.37 20.81 -7.73
C PHE A 234 -11.30 21.60 -6.83
N SER A 235 -12.44 22.04 -7.36
CA SER A 235 -13.44 22.71 -6.53
C SER A 235 -13.97 21.76 -5.46
N GLU A 236 -14.26 20.51 -5.85
CA GLU A 236 -14.72 19.53 -4.88
C GLU A 236 -13.64 19.22 -3.84
N LEU A 237 -12.39 19.14 -4.28
CA LEU A 237 -11.29 18.90 -3.33
C LEU A 237 -11.16 20.07 -2.34
N PHE A 238 -11.27 21.30 -2.83
CA PHE A 238 -11.21 22.45 -1.95
C PHE A 238 -12.37 22.48 -0.97
N LYS A 239 -13.57 22.13 -1.45
CA LYS A 239 -14.74 22.08 -0.57
C LYS A 239 -14.56 21.01 0.50
N GLU A 240 -14.02 19.85 0.13
CA GLU A 240 -13.76 18.80 1.10
C GLU A 240 -12.71 19.24 2.12
N ARG A 241 -11.69 19.95 1.65
CA ARG A 241 -10.67 20.46 2.56
C ARG A 241 -11.23 21.51 3.50
N ALA A 242 -12.22 22.27 3.05
CA ALA A 242 -12.86 23.27 3.90
C ALA A 242 -13.64 22.64 5.04
N THR A 243 -14.00 21.36 4.92
CA THR A 243 -14.73 20.68 5.99
C THR A 243 -13.86 20.41 7.22
N ALA A 244 -12.56 20.61 7.11
CA ALA A 244 -11.67 20.39 8.25
C ALA A 244 -11.99 21.40 9.34
N PRO A 245 -12.21 20.97 10.58
CA PRO A 245 -12.54 21.92 11.65
C PRO A 245 -11.46 22.96 11.91
N PHE A 246 -10.20 22.64 11.59
CA PHE A 246 -9.12 23.59 11.83
C PHE A 246 -9.27 24.83 10.94
N PHE A 247 -9.67 24.64 9.69
CA PHE A 247 -9.89 25.78 8.81
C PHE A 247 -11.05 26.63 9.30
N VAL A 248 -12.12 25.99 9.79
CA VAL A 248 -13.26 26.72 10.33
C VAL A 248 -12.83 27.53 11.56
N PHE A 249 -12.03 26.91 12.43
CA PHE A 249 -11.54 27.62 13.61
C PHE A 249 -10.65 28.80 13.20
N GLN A 250 -9.82 28.61 12.18
CA GLN A 250 -8.98 29.71 11.71
C GLN A 250 -9.82 30.86 11.16
N VAL A 251 -10.86 30.53 10.38
CA VAL A 251 -11.74 31.58 9.86
C VAL A 251 -12.44 32.30 11.01
N PHE A 252 -12.89 31.55 12.01
CA PHE A 252 -13.51 32.15 13.19
C PHE A 252 -12.54 33.12 13.85
N CYS A 253 -11.29 32.70 14.03
CA CYS A 253 -10.30 33.57 14.66
C CYS A 253 -10.04 34.81 13.81
N VAL A 254 -9.96 34.64 12.49
CA VAL A 254 -9.67 35.77 11.61
C VAL A 254 -10.79 36.80 11.69
N GLY A 255 -12.05 36.35 11.59
CA GLY A 255 -13.15 37.26 11.78
C GLY A 255 -13.17 37.85 13.18
N LEU A 256 -12.58 37.14 14.14
CA LEU A 256 -12.59 37.63 15.52
C LEU A 256 -11.61 38.79 15.67
N TRP A 257 -10.40 38.67 15.09
CA TRP A 257 -9.53 39.84 15.05
C TRP A 257 -10.13 40.95 14.18
N CYS A 258 -10.92 40.59 13.16
CA CYS A 258 -11.66 41.61 12.43
C CYS A 258 -12.55 42.41 13.36
N LEU A 259 -13.26 41.71 14.25
CA LEU A 259 -14.01 42.37 15.30
C LEU A 259 -13.11 43.14 16.25
N ASP A 260 -11.87 42.69 16.43
CA ASP A 260 -10.88 43.32 17.30
C ASP A 260 -10.21 44.53 16.66
N GLU A 261 -10.79 45.06 15.58
CA GLU A 261 -10.31 46.24 14.84
C GLU A 261 -9.00 45.99 14.12
N TYR A 262 -8.50 44.75 14.11
CA TYR A 262 -7.31 44.40 13.32
C TYR A 262 -7.75 43.80 11.98
N TRP A 263 -8.41 44.64 11.18
CA TRP A 263 -9.01 44.16 9.93
C TRP A 263 -7.94 43.78 8.91
N TYR A 264 -6.95 44.65 8.71
CA TYR A 264 -5.92 44.39 7.70
C TYR A 264 -5.10 43.16 8.04
N TYR A 265 -4.70 43.03 9.31
CA TYR A 265 -3.93 41.87 9.73
C TYR A 265 -4.76 40.59 9.57
N SER A 266 -6.04 40.66 9.91
CA SER A 266 -6.91 39.49 9.77
C SER A 266 -7.03 39.08 8.31
N VAL A 267 -7.21 40.07 7.42
CA VAL A 267 -7.33 39.77 6.00
C VAL A 267 -6.05 39.14 5.48
N PHE A 268 -4.89 39.69 5.87
CA PHE A 268 -3.62 39.13 5.44
C PHE A 268 -3.44 37.71 5.94
N THR A 269 -3.77 37.45 7.21
CA THR A 269 -3.62 36.10 7.76
C THR A 269 -4.54 35.12 7.06
N LEU A 270 -5.80 35.51 6.82
CA LEU A 270 -6.73 34.64 6.12
C LEU A 270 -6.25 34.35 4.70
N SER A 271 -5.72 35.37 4.02
CA SER A 271 -5.19 35.16 2.67
C SER A 271 -4.02 34.19 2.69
N MET A 272 -3.12 34.34 3.67
CA MET A 272 -1.99 33.42 3.77
C MET A 272 -2.47 31.99 4.04
N LEU A 273 -3.45 31.83 4.93
CA LEU A 273 -3.95 30.50 5.25
C LEU A 273 -4.60 29.85 4.03
N VAL A 274 -5.44 30.60 3.31
CA VAL A 274 -6.10 30.01 2.16
C VAL A 274 -5.09 29.72 1.05
N ALA A 275 -4.07 30.57 0.89
CA ALA A 275 -3.04 30.31 -0.11
C ALA A 275 -2.27 29.03 0.22
N PHE A 276 -1.94 28.84 1.50
CA PHE A 276 -1.23 27.62 1.87
C PHE A 276 -2.11 26.39 1.72
N GLU A 277 -3.39 26.50 2.04
CA GLU A 277 -4.32 25.39 1.83
C GLU A 277 -4.42 25.04 0.34
N ALA A 278 -4.50 26.07 -0.51
CA ALA A 278 -4.50 25.82 -1.95
C ALA A 278 -3.21 25.16 -2.41
N SER A 279 -2.08 25.54 -1.82
CA SER A 279 -0.82 24.88 -2.14
C SER A 279 -0.85 23.41 -1.74
N LEU A 280 -1.42 23.11 -0.57
CA LEU A 280 -1.53 21.71 -0.15
C LEU A 280 -2.42 20.92 -1.11
N VAL A 281 -3.53 21.50 -1.52
CA VAL A 281 -4.42 20.83 -2.47
C VAL A 281 -3.71 20.63 -3.80
N GLN A 282 -2.90 21.61 -4.23
CA GLN A 282 -2.16 21.48 -5.47
C GLN A 282 -1.12 20.37 -5.39
N GLN A 283 -0.47 20.24 -4.23
CA GLN A 283 0.48 19.15 -4.04
C GLN A 283 -0.22 17.80 -4.12
N GLN A 284 -1.39 17.69 -3.48
CA GLN A 284 -2.16 16.46 -3.59
C GLN A 284 -2.58 16.19 -5.03
N MET A 285 -2.90 17.26 -5.78
CA MET A 285 -3.30 17.10 -7.17
C MET A 285 -2.15 16.63 -8.05
N ARG A 286 -0.95 17.16 -7.83
CA ARG A 286 0.19 16.71 -8.63
C ARG A 286 0.57 15.28 -8.25
N ASN A 287 0.29 14.88 -7.00
CA ASN A 287 0.41 13.47 -6.65
C ASN A 287 -0.64 12.63 -7.38
N MET A 288 -1.87 13.12 -7.45
CA MET A 288 -2.94 12.40 -8.15
C MET A 288 -2.63 12.26 -9.64
N SER A 289 -1.90 13.23 -10.19
CA SER A 289 -1.49 13.13 -11.59
C SER A 289 -0.62 11.91 -11.82
N GLU A 290 0.25 11.59 -10.88
CA GLU A 290 1.07 10.39 -11.00
C GLU A 290 0.20 9.13 -11.02
N ILE A 291 -0.84 9.07 -10.18
CA ILE A 291 -1.74 7.93 -10.21
C ILE A 291 -2.47 7.84 -11.55
N ARG A 292 -2.95 8.97 -12.05
CA ARG A 292 -3.61 8.95 -13.36
C ARG A 292 -2.67 8.46 -14.44
N LYS A 293 -1.40 8.87 -14.40
CA LYS A 293 -0.42 8.35 -15.35
C LYS A 293 -0.20 6.86 -15.15
N MET A 294 -0.27 6.38 -13.91
CA MET A 294 -0.10 4.97 -13.64
C MET A 294 -1.31 4.13 -14.04
N GLY A 295 -2.43 4.76 -14.36
CA GLY A 295 -3.55 4.02 -14.93
C GLY A 295 -3.19 3.41 -16.26
N ASN A 296 -3.68 2.19 -16.53
CA ASN A 296 -3.41 1.55 -17.80
C ASN A 296 -3.99 2.36 -18.94
N LYS A 297 -3.11 2.87 -19.81
CA LYS A 297 -3.58 3.57 -20.99
C LYS A 297 -4.27 2.58 -21.92
N PRO A 298 -5.50 2.86 -22.33
CA PRO A 298 -6.22 1.91 -23.18
C PRO A 298 -5.52 1.71 -24.51
N HIS A 299 -5.57 0.47 -25.01
CA HIS A 299 -4.74 0.05 -26.12
C HIS A 299 -5.59 -0.60 -27.21
N MET A 300 -5.09 -0.50 -28.44
CA MET A 300 -5.81 -1.02 -29.59
C MET A 300 -5.87 -2.54 -29.58
N ILE A 301 -6.99 -3.09 -30.06
CA ILE A 301 -7.23 -4.53 -30.05
C ILE A 301 -7.85 -4.91 -31.39
N GLN A 302 -7.43 -6.06 -31.91
CA GLN A 302 -7.94 -6.60 -33.17
C GLN A 302 -9.20 -7.39 -32.88
N VAL A 303 -10.35 -6.88 -33.32
CA VAL A 303 -11.66 -7.38 -32.93
C VAL A 303 -12.50 -7.66 -34.17
N TYR A 304 -13.42 -8.62 -34.04
CA TYR A 304 -14.30 -9.04 -35.12
C TYR A 304 -15.64 -8.33 -35.01
N ARG A 305 -16.09 -7.72 -36.11
CA ARG A 305 -17.38 -7.05 -36.16
C ARG A 305 -17.87 -6.99 -37.60
N SER A 306 -19.18 -7.17 -37.77
CA SER A 306 -19.83 -7.13 -39.09
C SER A 306 -19.17 -8.11 -40.06
N ARG A 307 -18.94 -9.33 -39.56
CA ARG A 307 -18.32 -10.41 -40.34
C ARG A 307 -16.93 -10.01 -40.84
N LYS A 308 -16.24 -9.13 -40.11
CA LYS A 308 -14.93 -8.65 -40.53
C LYS A 308 -14.14 -8.25 -39.29
N TRP A 309 -12.82 -8.15 -39.47
CA TRP A 309 -11.90 -7.83 -38.39
C TRP A 309 -11.46 -6.38 -38.49
N ARG A 310 -11.84 -5.57 -37.49
CA ARG A 310 -11.43 -4.19 -37.34
C ARG A 310 -10.58 -4.00 -36.09
N PRO A 311 -9.59 -3.11 -36.14
CA PRO A 311 -8.88 -2.73 -34.91
C PRO A 311 -9.74 -1.79 -34.07
N ILE A 312 -9.89 -2.13 -32.79
CA ILE A 312 -10.82 -1.44 -31.91
C ILE A 312 -10.14 -1.19 -30.57
N ALA A 313 -10.37 0.00 -30.02
CA ALA A 313 -9.80 0.34 -28.72
C ALA A 313 -10.47 -0.46 -27.61
N SER A 314 -9.76 -0.58 -26.49
CA SER A 314 -10.22 -1.43 -25.40
C SER A 314 -11.45 -0.85 -24.72
N ASP A 315 -11.55 0.47 -24.66
CA ASP A 315 -12.62 1.11 -23.88
C ASP A 315 -13.98 0.79 -24.45
N GLU A 316 -14.10 0.69 -25.77
CA GLU A 316 -15.39 0.52 -26.43
C GLU A 316 -15.76 -0.95 -26.65
N ILE A 317 -14.97 -1.89 -26.14
CA ILE A 317 -15.35 -3.30 -26.23
C ILE A 317 -16.58 -3.55 -25.38
N VAL A 318 -17.51 -4.34 -25.91
CA VAL A 318 -18.76 -4.64 -25.20
C VAL A 318 -18.93 -6.15 -25.17
N PRO A 319 -19.63 -6.67 -24.16
CA PRO A 319 -19.81 -8.12 -24.07
C PRO A 319 -20.57 -8.66 -25.27
N GLY A 320 -20.20 -9.89 -25.66
CA GLY A 320 -20.81 -10.56 -26.78
C GLY A 320 -19.97 -10.58 -28.04
N ASP A 321 -18.95 -9.73 -28.13
CA ASP A 321 -18.11 -9.72 -29.32
C ASP A 321 -17.13 -10.90 -29.29
N ILE A 322 -16.49 -11.12 -30.44
CA ILE A 322 -15.46 -12.13 -30.59
C ILE A 322 -14.14 -11.40 -30.85
N VAL A 323 -13.14 -11.67 -30.01
CA VAL A 323 -11.86 -10.98 -30.06
C VAL A 323 -10.75 -12.02 -30.18
N SER A 324 -9.75 -11.72 -31.01
CA SER A 324 -8.61 -12.61 -31.22
C SER A 324 -7.42 -12.05 -30.45
N ILE A 325 -7.22 -12.57 -29.24
CA ILE A 325 -6.14 -12.11 -28.38
C ILE A 325 -4.90 -12.95 -28.63
N GLY A 326 -3.76 -12.41 -28.23
CA GLY A 326 -2.51 -13.11 -28.37
C GLY A 326 -1.39 -12.34 -27.70
N ARG A 327 -0.18 -12.86 -27.83
CA ARG A 327 0.98 -12.19 -27.25
C ARG A 327 1.28 -10.91 -28.02
N SER A 328 1.21 -9.78 -27.32
CA SER A 328 1.51 -8.54 -28.03
C SER A 328 2.97 -8.15 -27.80
N PRO A 329 3.62 -7.54 -28.80
CA PRO A 329 5.00 -7.09 -28.60
C PRO A 329 5.14 -6.02 -27.54
N GLN A 330 4.06 -5.33 -27.18
CA GLN A 330 4.11 -4.24 -26.22
C GLN A 330 3.94 -4.70 -24.78
N GLU A 331 3.81 -6.01 -24.55
CA GLU A 331 3.67 -6.57 -23.20
C GLU A 331 2.51 -5.92 -22.44
N ASN A 332 1.40 -5.73 -23.14
CA ASN A 332 0.21 -5.15 -22.53
C ASN A 332 -0.65 -6.22 -21.88
N LEU A 333 -1.53 -5.79 -20.99
CA LEU A 333 -2.37 -6.72 -20.26
C LEU A 333 -3.66 -7.03 -21.02
N VAL A 334 -4.29 -8.14 -20.66
CA VAL A 334 -5.56 -8.53 -21.27
C VAL A 334 -6.62 -7.51 -20.88
N PRO A 335 -7.42 -7.02 -21.84
CA PRO A 335 -8.36 -5.94 -21.53
C PRO A 335 -9.52 -6.33 -20.63
N CYS A 336 -10.15 -7.46 -20.91
CA CYS A 336 -11.33 -7.87 -20.17
C CYS A 336 -11.41 -9.40 -20.15
N ASP A 337 -12.21 -9.91 -19.21
CA ASP A 337 -12.40 -11.35 -19.10
C ASP A 337 -12.95 -11.90 -20.41
N VAL A 338 -12.24 -12.87 -20.97
CA VAL A 338 -12.56 -13.38 -22.29
C VAL A 338 -12.55 -14.90 -22.25
N LEU A 339 -13.35 -15.52 -23.11
CA LEU A 339 -13.57 -16.95 -23.11
C LEU A 339 -12.87 -17.54 -24.32
N LEU A 340 -11.89 -18.41 -24.08
CA LEU A 340 -11.03 -18.93 -25.13
C LEU A 340 -11.77 -19.90 -26.04
N LEU A 341 -12.31 -19.40 -27.15
CA LEU A 341 -13.01 -20.26 -28.09
C LEU A 341 -12.04 -21.23 -28.78
N ARG A 342 -10.95 -20.71 -29.34
CA ARG A 342 -10.00 -21.51 -30.10
C ARG A 342 -8.58 -21.12 -29.75
N GLY A 343 -7.67 -22.06 -29.95
CA GLY A 343 -6.26 -21.83 -29.74
C GLY A 343 -5.83 -22.03 -28.29
N ARG A 344 -4.52 -22.24 -28.13
CA ARG A 344 -3.92 -22.40 -26.82
C ARG A 344 -2.97 -21.25 -26.55
N CYS A 345 -2.82 -20.89 -25.28
CA CYS A 345 -1.96 -19.79 -24.91
C CYS A 345 -1.41 -20.00 -23.52
N ILE A 346 -0.28 -19.36 -23.24
CA ILE A 346 0.38 -19.39 -21.94
C ILE A 346 0.08 -18.08 -21.24
N VAL A 347 -0.46 -18.14 -20.04
CA VAL A 347 -0.86 -16.96 -19.29
C VAL A 347 -0.13 -16.96 -17.95
N ASP A 348 0.31 -15.78 -17.52
CA ASP A 348 1.00 -15.60 -16.25
C ASP A 348 0.12 -14.72 -15.38
N GLU A 349 -0.73 -15.34 -14.58
CA GLU A 349 -1.64 -14.62 -13.69
C GLU A 349 -1.04 -14.39 -12.32
N ALA A 350 0.28 -14.26 -12.24
CA ALA A 350 0.91 -13.97 -10.95
C ALA A 350 0.46 -12.62 -10.43
N MET A 351 0.22 -11.65 -11.32
CA MET A 351 -0.22 -10.34 -10.88
C MET A 351 -1.63 -10.39 -10.28
N LEU A 352 -2.48 -11.28 -10.77
CA LEU A 352 -3.89 -11.29 -10.39
C LEU A 352 -4.25 -12.44 -9.47
N THR A 353 -3.65 -13.60 -9.65
CA THR A 353 -3.95 -14.74 -8.79
C THR A 353 -2.86 -15.01 -7.77
N GLY A 354 -1.63 -14.59 -8.04
CA GLY A 354 -0.51 -14.83 -7.18
C GLY A 354 0.26 -16.10 -7.45
N GLU A 355 -0.32 -17.01 -8.23
CA GLU A 355 0.36 -18.26 -8.56
C GLU A 355 1.53 -17.96 -9.50
N SER A 356 2.75 -18.15 -9.00
CA SER A 356 3.93 -17.89 -9.82
C SER A 356 3.99 -18.83 -11.01
N VAL A 357 3.58 -20.07 -10.83
CA VAL A 357 3.63 -21.07 -11.90
C VAL A 357 2.62 -20.70 -12.98
N PRO A 358 3.06 -20.53 -14.23
CA PRO A 358 2.10 -20.30 -15.31
C PRO A 358 1.22 -21.52 -15.54
N GLN A 359 -0.01 -21.27 -15.99
CA GLN A 359 -1.00 -22.31 -16.20
C GLN A 359 -1.47 -22.33 -17.64
N MET A 360 -1.94 -23.49 -18.08
CA MET A 360 -2.37 -23.71 -19.45
C MET A 360 -3.79 -23.21 -19.64
N LYS A 361 -4.13 -22.94 -20.91
CA LYS A 361 -5.49 -22.59 -21.29
C LYS A 361 -5.88 -23.40 -22.52
N GLU A 362 -7.08 -23.99 -22.49
CA GLU A 362 -7.52 -24.84 -23.59
C GLU A 362 -8.68 -24.21 -24.34
N PRO A 363 -8.84 -24.52 -25.62
CA PRO A 363 -10.04 -24.09 -26.35
C PRO A 363 -11.26 -24.85 -25.88
N ILE A 364 -12.44 -24.29 -26.20
CA ILE A 364 -13.69 -24.92 -25.85
C ILE A 364 -14.28 -25.77 -26.97
N GLU A 365 -13.72 -25.67 -28.19
CA GLU A 365 -14.29 -26.42 -29.31
C GLU A 365 -14.15 -27.92 -29.12
N ASP A 366 -13.17 -28.36 -28.35
CA ASP A 366 -12.97 -29.79 -28.14
C ASP A 366 -13.98 -30.38 -27.16
N LEU A 367 -14.45 -29.59 -26.19
CA LEU A 367 -15.31 -30.12 -25.15
C LEU A 367 -16.71 -30.42 -25.67
N SER A 368 -17.43 -31.25 -24.93
CA SER A 368 -18.79 -31.62 -25.31
C SER A 368 -19.75 -30.45 -25.06
N PRO A 369 -20.81 -30.34 -25.86
CA PRO A 369 -21.75 -29.22 -25.67
C PRO A 369 -22.72 -29.45 -24.54
N ASP A 370 -22.88 -30.70 -24.10
CA ASP A 370 -23.87 -31.02 -23.07
C ASP A 370 -23.53 -30.38 -21.73
N ARG A 371 -22.28 -29.98 -21.52
CA ARG A 371 -21.89 -29.37 -20.26
C ARG A 371 -22.50 -27.98 -20.12
N VAL A 372 -22.53 -27.49 -18.88
CA VAL A 372 -22.97 -26.14 -18.57
C VAL A 372 -21.81 -25.41 -17.91
N LEU A 373 -21.46 -24.25 -18.45
CA LEU A 373 -20.28 -23.54 -17.99
C LEU A 373 -20.53 -22.86 -16.65
N ASP A 374 -19.56 -23.01 -15.73
CA ASP A 374 -19.62 -22.38 -14.42
C ASP A 374 -18.28 -21.72 -14.14
N LEU A 375 -18.32 -20.45 -13.75
CA LEU A 375 -17.08 -19.70 -13.50
C LEU A 375 -16.30 -20.28 -12.33
N GLN A 376 -17.00 -20.68 -11.26
CA GLN A 376 -16.30 -21.22 -10.10
C GLN A 376 -15.56 -22.51 -10.44
N ALA A 377 -16.17 -23.36 -11.25
CA ALA A 377 -15.58 -24.67 -11.52
C ALA A 377 -14.54 -24.61 -12.64
N ASP A 378 -14.83 -23.89 -13.73
CA ASP A 378 -14.00 -23.92 -14.92
C ASP A 378 -13.22 -22.63 -15.13
N SER A 379 -12.76 -22.01 -14.03
CA SER A 379 -12.02 -20.75 -14.17
C SER A 379 -10.59 -21.00 -14.63
N ARG A 380 -9.95 -22.06 -14.14
CA ARG A 380 -8.50 -22.19 -14.30
C ARG A 380 -8.10 -22.61 -15.71
N LEU A 381 -8.99 -23.28 -16.44
CA LEU A 381 -8.59 -23.91 -17.69
C LEU A 381 -9.26 -23.35 -18.94
N HIS A 382 -10.27 -22.50 -18.82
CA HIS A 382 -11.00 -22.10 -20.04
C HIS A 382 -11.30 -20.62 -20.15
N VAL A 383 -11.30 -19.83 -19.08
CA VAL A 383 -11.60 -18.40 -19.15
C VAL A 383 -10.33 -17.62 -18.83
N ILE A 384 -10.01 -16.66 -19.68
CA ILE A 384 -8.82 -15.83 -19.52
C ILE A 384 -9.23 -14.54 -18.83
N PHE A 385 -8.59 -14.25 -17.71
CA PHE A 385 -8.99 -13.12 -16.89
C PHE A 385 -8.34 -11.83 -17.40
N GLY A 386 -8.82 -10.71 -16.86
CA GLY A 386 -8.33 -9.41 -17.28
C GLY A 386 -7.26 -8.89 -16.33
N GLY A 387 -6.31 -8.15 -16.91
CA GLY A 387 -5.18 -7.62 -16.16
C GLY A 387 -3.97 -8.54 -16.13
N THR A 388 -4.12 -9.79 -16.56
CA THR A 388 -3.00 -10.70 -16.62
C THR A 388 -2.24 -10.54 -17.93
N LYS A 389 -1.05 -11.13 -17.97
CA LYS A 389 -0.16 -11.02 -19.12
C LYS A 389 -0.11 -12.35 -19.86
N VAL A 390 -0.31 -12.30 -21.17
CA VAL A 390 -0.19 -13.49 -22.00
C VAL A 390 1.27 -13.63 -22.43
N VAL A 391 1.80 -14.85 -22.33
CA VAL A 391 3.20 -15.09 -22.63
C VAL A 391 3.38 -15.65 -24.04
N GLN A 392 2.81 -16.81 -24.31
CA GLN A 392 2.90 -17.44 -25.62
C GLN A 392 1.51 -17.69 -26.17
N HIS A 393 1.37 -17.55 -27.49
CA HIS A 393 0.13 -17.89 -28.17
C HIS A 393 0.42 -19.00 -29.17
N ILE A 394 -0.41 -20.03 -29.14
CA ILE A 394 -0.27 -21.17 -30.03
C ILE A 394 -1.42 -21.14 -31.03
N PRO A 395 -1.18 -20.74 -32.29
CA PRO A 395 -2.28 -20.66 -33.23
C PRO A 395 -2.83 -22.05 -33.54
N PRO A 396 -4.13 -22.15 -33.80
CA PRO A 396 -4.71 -23.46 -34.10
C PRO A 396 -4.30 -23.95 -35.49
N GLN A 397 -4.50 -25.24 -35.71
CA GLN A 397 -4.16 -25.85 -36.99
C GLN A 397 -5.05 -25.28 -38.09
N LYS A 398 -4.46 -25.14 -39.28
CA LYS A 398 -5.22 -24.61 -40.42
C LYS A 398 -6.28 -25.57 -40.91
N ALA A 399 -6.18 -26.87 -40.56
CA ALA A 399 -7.19 -27.84 -41.00
C ALA A 399 -8.56 -27.52 -40.42
N THR A 400 -8.59 -27.12 -39.14
CA THR A 400 -9.87 -26.79 -38.50
C THR A 400 -10.50 -25.57 -39.16
N THR A 401 -11.80 -25.66 -39.41
CA THR A 401 -12.56 -24.58 -40.04
C THR A 401 -13.33 -23.82 -38.98
N GLY A 402 -13.19 -22.49 -38.99
CA GLY A 402 -13.87 -21.66 -38.02
C GLY A 402 -13.46 -20.20 -38.11
N LEU A 403 -13.34 -19.53 -36.96
CA LEU A 403 -12.95 -18.13 -36.95
C LEU A 403 -11.51 -17.99 -37.41
N LYS A 404 -11.31 -17.16 -38.43
CA LYS A 404 -9.98 -16.95 -39.01
C LYS A 404 -9.47 -15.56 -38.67
N PRO A 405 -8.46 -15.45 -37.80
CA PRO A 405 -7.91 -14.13 -37.48
C PRO A 405 -6.74 -13.74 -38.36
N VAL A 406 -6.68 -12.45 -38.69
CA VAL A 406 -5.56 -11.93 -39.47
C VAL A 406 -4.28 -11.98 -38.66
N ASP A 407 -4.33 -11.56 -37.39
CA ASP A 407 -3.17 -11.59 -36.52
C ASP A 407 -2.79 -13.01 -36.13
N SER A 408 -3.65 -13.99 -36.45
CA SER A 408 -3.43 -15.40 -36.10
C SER A 408 -3.37 -15.60 -34.59
N GLY A 409 -4.02 -14.71 -33.83
CA GLY A 409 -4.13 -14.88 -32.41
C GLY A 409 -5.28 -15.80 -32.03
N CYS A 410 -5.40 -16.06 -30.74
CA CYS A 410 -6.46 -16.94 -30.25
C CYS A 410 -7.79 -16.19 -30.23
N VAL A 411 -8.71 -16.62 -31.10
CA VAL A 411 -10.04 -16.03 -31.14
C VAL A 411 -10.81 -16.46 -29.89
N ALA A 412 -11.50 -15.51 -29.27
CA ALA A 412 -12.11 -15.76 -27.98
C ALA A 412 -13.30 -14.83 -27.80
N TYR A 413 -14.18 -15.20 -26.86
CA TYR A 413 -15.47 -14.54 -26.66
C TYR A 413 -15.43 -13.69 -25.39
N VAL A 414 -15.90 -12.45 -25.50
CA VAL A 414 -15.88 -11.50 -24.40
C VAL A 414 -17.03 -11.83 -23.45
N LEU A 415 -16.69 -12.24 -22.23
CA LEU A 415 -17.72 -12.57 -21.24
C LEU A 415 -18.13 -11.34 -20.45
N ARG A 416 -17.17 -10.65 -19.84
CA ARG A 416 -17.46 -9.52 -18.96
C ARG A 416 -16.61 -8.33 -19.40
N THR A 417 -17.09 -7.13 -19.06
CA THR A 417 -16.38 -5.90 -19.38
C THR A 417 -16.46 -4.96 -18.19
N GLY A 418 -15.91 -3.76 -18.36
CA GLY A 418 -16.03 -2.69 -17.40
C GLY A 418 -15.47 -3.06 -16.05
N PHE A 419 -16.10 -2.54 -15.01
CA PHE A 419 -15.72 -2.84 -13.64
C PHE A 419 -16.30 -4.15 -13.14
N ASN A 420 -17.04 -4.88 -13.99
CA ASN A 420 -17.62 -6.14 -13.59
C ASN A 420 -16.64 -7.30 -13.67
N THR A 421 -15.48 -7.12 -14.30
CA THR A 421 -14.46 -8.16 -14.29
C THR A 421 -13.84 -8.26 -12.89
N SER A 422 -13.17 -9.38 -12.64
CA SER A 422 -12.62 -9.64 -11.31
C SER A 422 -11.67 -8.52 -10.89
N GLN A 423 -10.74 -8.16 -11.76
CA GLN A 423 -9.88 -7.01 -11.51
C GLN A 423 -10.73 -5.76 -11.34
N GLY A 424 -11.74 -5.60 -12.19
CA GLY A 424 -12.65 -4.47 -12.02
C GLY A 424 -13.40 -4.51 -10.71
N LYS A 425 -13.86 -5.69 -10.30
CA LYS A 425 -14.54 -5.79 -9.02
C LYS A 425 -13.66 -5.30 -7.87
N LEU A 426 -12.44 -5.84 -7.77
CA LEU A 426 -11.57 -5.42 -6.67
C LEU A 426 -11.25 -3.94 -6.77
N LEU A 427 -10.90 -3.48 -7.98
CA LEU A 427 -10.51 -2.10 -8.17
C LEU A 427 -11.62 -1.16 -7.74
N ARG A 428 -12.82 -1.33 -8.30
CA ARG A 428 -13.94 -0.45 -7.99
C ARG A 428 -14.32 -0.53 -6.53
N THR A 429 -14.41 -1.75 -5.98
CA THR A 429 -14.76 -1.93 -4.58
C THR A 429 -13.80 -1.19 -3.66
N ILE A 430 -12.57 -0.96 -4.11
CA ILE A 430 -11.70 -0.04 -3.39
C ILE A 430 -11.99 1.41 -3.76
N LEU A 431 -12.21 1.69 -5.04
CA LEU A 431 -12.20 3.05 -5.53
C LEU A 431 -13.30 3.88 -4.88
N PHE A 432 -14.48 3.28 -4.70
CA PHE A 432 -15.57 3.91 -3.97
C PHE A 432 -15.88 3.18 -2.67
N GLY A 433 -14.85 2.57 -2.06
CA GLY A 433 -15.07 1.76 -0.89
C GLY A 433 -15.03 2.48 0.44
N VAL A 434 -13.92 3.16 0.73
CA VAL A 434 -13.70 3.79 2.02
C VAL A 434 -13.24 5.22 1.82
N LYS A 435 -13.33 6.01 2.89
CA LYS A 435 -12.96 7.41 2.86
C LYS A 435 -11.47 7.58 3.17
N ARG A 436 -10.93 8.73 2.79
CA ARG A 436 -9.59 9.11 3.21
C ARG A 436 -9.62 9.46 4.70
N VAL A 437 -8.77 8.78 5.47
CA VAL A 437 -8.75 8.93 6.92
C VAL A 437 -8.30 10.35 7.25
N THR A 438 -9.01 10.98 8.18
CA THR A 438 -8.85 12.40 8.44
C THR A 438 -7.46 12.73 8.98
N ALA A 439 -6.88 13.83 8.48
CA ALA A 439 -5.63 14.32 9.02
C ALA A 439 -5.81 14.94 10.40
N ASN A 440 -7.05 15.11 10.85
CA ASN A 440 -7.33 15.68 12.16
C ASN A 440 -7.77 14.55 13.07
N ASN A 441 -6.79 13.86 13.65
CA ASN A 441 -7.09 12.68 14.47
C ASN A 441 -7.68 13.11 15.81
N LEU A 442 -8.05 12.11 16.61
CA LEU A 442 -8.53 12.38 17.96
C LEU A 442 -7.41 12.91 18.84
N GLU A 443 -6.16 12.57 18.53
CA GLU A 443 -5.04 13.04 19.34
C GLU A 443 -4.97 14.57 19.32
N THR A 444 -4.99 15.16 18.13
CA THR A 444 -4.94 16.62 18.04
C THR A 444 -6.19 17.25 18.62
N PHE A 445 -7.35 16.59 18.48
CA PHE A 445 -8.58 17.13 19.04
C PHE A 445 -8.50 17.22 20.56
N ILE A 446 -8.03 16.15 21.20
CA ILE A 446 -7.92 16.18 22.66
C ILE A 446 -6.81 17.13 23.10
N PHE A 447 -5.73 17.25 22.32
CA PHE A 447 -4.71 18.23 22.64
C PHE A 447 -5.28 19.65 22.62
N ILE A 448 -6.06 19.97 21.58
CA ILE A 448 -6.71 21.28 21.52
C ILE A 448 -7.67 21.44 22.69
N LEU A 449 -8.37 20.37 23.07
CA LEU A 449 -9.29 20.45 24.20
C LEU A 449 -8.56 20.80 25.48
N PHE A 450 -7.40 20.17 25.72
CA PHE A 450 -6.61 20.47 26.90
C PHE A 450 -6.11 21.92 26.88
N LEU A 451 -5.56 22.34 25.74
CA LEU A 451 -5.09 23.71 25.63
C LEU A 451 -6.23 24.70 25.87
N LEU A 452 -7.41 24.39 25.35
CA LEU A 452 -8.56 25.28 25.52
C LEU A 452 -9.07 25.24 26.94
N VAL A 453 -8.91 24.13 27.65
CA VAL A 453 -9.30 24.10 29.06
C VAL A 453 -8.45 25.06 29.87
N PHE A 454 -7.12 25.00 29.66
CA PHE A 454 -6.27 25.98 30.34
C PHE A 454 -6.55 27.40 29.86
N ALA A 455 -6.88 27.56 28.58
CA ALA A 455 -7.24 28.88 28.06
C ALA A 455 -8.47 29.43 28.77
N ILE A 456 -9.49 28.60 28.94
CA ILE A 456 -10.71 29.04 29.59
C ILE A 456 -10.46 29.34 31.06
N ALA A 457 -9.58 28.58 31.70
CA ALA A 457 -9.22 28.89 33.09
C ALA A 457 -8.59 30.28 33.19
N ALA A 458 -7.60 30.56 32.34
CA ALA A 458 -6.95 31.87 32.36
C ALA A 458 -7.96 32.97 32.01
N ALA A 459 -8.83 32.70 31.03
CA ALA A 459 -9.84 33.67 30.64
C ALA A 459 -10.79 33.97 31.78
N ALA A 460 -11.22 32.96 32.52
CA ALA A 460 -12.09 33.17 33.67
C ALA A 460 -11.39 33.99 34.73
N TYR A 461 -10.09 33.73 34.95
CA TYR A 461 -9.35 34.54 35.92
C TYR A 461 -9.34 36.01 35.50
N VAL A 462 -9.06 36.27 34.22
CA VAL A 462 -9.04 37.64 33.72
C VAL A 462 -10.40 38.28 33.89
N TRP A 463 -11.46 37.56 33.50
CA TRP A 463 -12.81 38.11 33.59
C TRP A 463 -13.19 38.42 35.02
N ILE A 464 -12.88 37.51 35.95
CA ILE A 464 -13.26 37.72 37.34
C ILE A 464 -12.54 38.94 37.91
N GLU A 465 -11.22 39.02 37.70
CA GLU A 465 -10.51 40.14 38.31
C GLU A 465 -10.86 41.45 37.64
N GLY A 466 -11.17 41.43 36.34
CA GLY A 466 -11.62 42.65 35.68
C GLY A 466 -12.97 43.11 36.18
N THR A 467 -13.91 42.17 36.34
CA THR A 467 -15.20 42.51 36.91
C THR A 467 -15.09 42.96 38.37
N LYS A 468 -14.00 42.59 39.05
CA LYS A 468 -13.74 43.17 40.37
C LYS A 468 -13.52 44.67 40.30
N ASP A 469 -13.22 45.20 39.11
CA ASP A 469 -13.09 46.64 38.93
C ASP A 469 -14.32 47.16 38.21
N PRO A 470 -15.23 47.86 38.90
CA PRO A 470 -16.48 48.28 38.24
C PRO A 470 -16.30 49.45 37.29
N SER A 471 -15.24 50.23 37.41
CA SER A 471 -15.06 51.39 36.55
C SER A 471 -14.81 50.97 35.10
N ARG A 472 -14.07 49.89 34.90
CA ARG A 472 -13.70 49.46 33.56
C ARG A 472 -14.91 48.92 32.80
N ASN A 473 -14.90 49.14 31.49
CA ASN A 473 -16.03 48.74 30.65
C ASN A 473 -16.06 47.22 30.47
N ARG A 474 -17.26 46.71 30.19
CA ARG A 474 -17.47 45.27 30.06
C ARG A 474 -17.16 44.75 28.67
N TYR A 475 -17.61 45.45 27.62
CA TYR A 475 -17.39 44.97 26.26
C TYR A 475 -15.92 44.98 25.91
N LYS A 476 -15.19 46.00 26.34
CA LYS A 476 -13.76 46.07 26.10
C LYS A 476 -13.01 44.91 26.77
N LEU A 477 -13.38 44.60 28.02
CA LEU A 477 -12.75 43.49 28.71
C LEU A 477 -13.11 42.16 28.06
N PHE A 478 -14.36 42.01 27.59
CA PHE A 478 -14.75 40.80 26.88
C PHE A 478 -13.94 40.64 25.60
N LEU A 479 -13.73 41.73 24.86
CA LEU A 479 -12.93 41.67 23.66
C LEU A 479 -11.49 41.31 23.98
N GLU A 480 -10.94 41.86 25.06
CA GLU A 480 -9.58 41.53 25.47
C GLU A 480 -9.47 40.05 25.82
N CYS A 481 -10.43 39.53 26.58
CA CYS A 481 -10.43 38.12 26.94
C CYS A 481 -10.55 37.22 25.73
N THR A 482 -11.37 37.61 24.76
CA THR A 482 -11.55 36.81 23.56
C THR A 482 -10.27 36.83 22.71
N LEU A 483 -9.59 37.98 22.66
CA LEU A 483 -8.30 38.04 22.00
C LEU A 483 -7.29 37.12 22.67
N ILE A 484 -7.34 37.05 24.00
CA ILE A 484 -6.49 36.10 24.72
C ILE A 484 -6.82 34.67 24.29
N LEU A 485 -8.11 34.35 24.20
CA LEU A 485 -8.52 33.00 23.82
C LEU A 485 -8.07 32.65 22.41
N THR A 486 -7.97 33.65 21.53
CA THR A 486 -7.42 33.38 20.21
C THR A 486 -5.91 33.22 20.25
N SER A 487 -5.24 34.03 21.07
CA SER A 487 -3.78 33.99 21.09
C SER A 487 -3.27 32.67 21.69
N VAL A 488 -4.01 32.10 22.63
CA VAL A 488 -3.54 30.88 23.30
C VAL A 488 -3.45 29.72 22.32
N VAL A 489 -4.44 29.58 21.44
CA VAL A 489 -4.40 28.53 20.42
C VAL A 489 -3.81 29.13 19.15
N PRO A 490 -2.57 28.78 18.79
CA PRO A 490 -1.90 29.48 17.71
C PRO A 490 -2.55 29.17 16.38
N PRO A 491 -2.58 30.13 15.44
CA PRO A 491 -3.07 29.82 14.09
C PRO A 491 -2.13 28.91 13.32
N GLU A 492 -0.89 28.75 13.75
CA GLU A 492 0.06 27.88 13.09
C GLU A 492 0.02 26.45 13.61
N LEU A 493 -0.92 26.13 14.51
CA LEU A 493 -1.07 24.77 14.99
C LEU A 493 -1.23 23.74 13.89
N PRO A 494 -2.05 23.95 12.85
CA PRO A 494 -2.04 23.00 11.74
C PRO A 494 -0.93 23.30 10.74
N ILE A 495 -0.55 24.58 10.65
CA ILE A 495 0.44 24.99 9.66
C ILE A 495 1.80 24.37 9.95
N GLU A 496 2.21 24.36 11.22
CA GLU A 496 3.51 23.81 11.56
C GLU A 496 3.57 22.31 11.33
N LEU A 497 2.50 21.58 11.69
CA LEU A 497 2.45 20.16 11.42
C LEU A 497 2.49 19.89 9.92
N SER A 498 1.76 20.69 9.14
CA SER A 498 1.79 20.54 7.69
C SER A 498 3.19 20.80 7.14
N LEU A 499 3.89 21.79 7.70
CA LEU A 499 5.25 22.06 7.26
C LEU A 499 6.18 20.89 7.56
N ALA A 500 6.04 20.30 8.74
CA ALA A 500 6.88 19.15 9.08
C ALA A 500 6.59 17.98 8.14
N VAL A 501 5.31 17.71 7.88
CA VAL A 501 4.95 16.61 6.99
C VAL A 501 5.46 16.87 5.57
N ASN A 502 5.34 18.11 5.10
CA ASN A 502 5.82 18.44 3.76
C ASN A 502 7.33 18.28 3.66
N THR A 503 8.06 18.71 4.69
CA THR A 503 9.50 18.52 4.69
C THR A 503 9.87 17.04 4.65
N SER A 504 9.15 16.22 5.43
CA SER A 504 9.40 14.78 5.40
C SER A 504 9.11 14.21 4.01
N LEU A 505 8.04 14.67 3.37
CA LEU A 505 7.69 14.17 2.05
C LEU A 505 8.75 14.55 1.02
N ILE A 506 9.25 15.78 1.09
CA ILE A 506 10.30 16.21 0.16
C ILE A 506 11.56 15.39 0.38
N ALA A 507 11.91 15.13 1.64
CA ALA A 507 13.08 14.30 1.92
C ALA A 507 12.89 12.88 1.39
N LEU A 508 11.68 12.33 1.53
CA LEU A 508 11.41 10.97 1.07
C LEU A 508 11.42 10.87 -0.45
N ALA A 509 10.99 11.93 -1.15
CA ALA A 509 10.93 11.89 -2.60
C ALA A 509 12.30 11.74 -3.25
N LYS A 510 13.38 12.01 -2.51
CA LYS A 510 14.71 11.86 -3.08
C LYS A 510 15.10 10.40 -3.27
N LEU A 511 14.37 9.48 -2.63
CA LEU A 511 14.66 8.06 -2.74
C LEU A 511 13.86 7.37 -3.84
N TYR A 512 13.52 8.11 -4.90
CA TYR A 512 12.76 7.58 -6.04
C TYR A 512 11.44 6.97 -5.58
N MET A 513 10.79 7.60 -4.60
CA MET A 513 9.56 7.09 -4.04
C MET A 513 8.56 8.21 -3.87
N TYR A 514 7.29 7.91 -4.12
CA TYR A 514 6.21 8.88 -4.07
C TYR A 514 5.29 8.59 -2.89
N CYS A 515 4.57 9.62 -2.45
CA CYS A 515 3.61 9.51 -1.35
C CYS A 515 2.35 10.25 -1.73
N THR A 516 1.26 9.51 -1.97
CA THR A 516 0.00 10.14 -2.38
C THR A 516 -0.85 10.59 -1.20
N GLU A 517 -0.53 10.10 0.00
CA GLU A 517 -1.25 10.47 1.23
C GLU A 517 -0.21 10.93 2.24
N PRO A 518 0.15 12.22 2.23
CA PRO A 518 1.27 12.68 3.05
C PRO A 518 1.06 12.53 4.54
N PHE A 519 -0.18 12.48 5.01
CA PHE A 519 -0.40 12.49 6.46
C PHE A 519 -0.15 11.12 7.09
N ARG A 520 -0.04 10.07 6.30
CA ARG A 520 0.21 8.74 6.85
C ARG A 520 1.68 8.48 7.11
N ILE A 521 2.57 9.42 6.77
CA ILE A 521 4.00 9.23 7.09
C ILE A 521 4.22 9.12 8.58
N PRO A 522 3.63 9.96 9.45
CA PRO A 522 3.81 9.74 10.89
C PRO A 522 3.36 8.38 11.38
N PHE A 523 2.37 7.77 10.72
CA PHE A 523 1.91 6.45 11.12
C PHE A 523 2.96 5.37 10.90
N ALA A 524 4.01 5.64 10.13
CA ALA A 524 5.02 4.63 9.86
C ALA A 524 5.84 4.30 11.10
N GLY A 525 5.97 5.26 12.03
CA GLY A 525 6.70 5.00 13.24
C GLY A 525 6.04 3.98 14.15
N LYS A 526 4.71 3.98 14.18
CA LYS A 526 3.97 3.13 15.11
C LYS A 526 3.71 1.74 14.58
N VAL A 527 4.23 1.40 13.39
CA VAL A 527 3.97 0.08 12.82
C VAL A 527 4.62 -0.99 13.71
N GLU A 528 3.89 -2.08 13.92
CA GLU A 528 4.38 -3.19 14.72
C GLU A 528 4.43 -4.51 13.97
N VAL A 529 3.58 -4.68 12.95
CA VAL A 529 3.58 -5.87 12.11
C VAL A 529 3.73 -5.43 10.66
N CYS A 530 4.64 -6.07 9.94
CA CYS A 530 4.87 -5.79 8.53
C CYS A 530 4.53 -7.02 7.72
N CYS A 531 3.76 -6.82 6.65
CA CYS A 531 3.34 -7.90 5.78
C CYS A 531 4.03 -7.78 4.42
N PHE A 532 4.28 -8.92 3.80
CA PHE A 532 4.95 -8.97 2.51
C PHE A 532 4.25 -9.95 1.58
N ASP A 533 4.38 -9.69 0.28
CA ASP A 533 3.90 -10.59 -0.76
C ASP A 533 5.09 -11.32 -1.35
N LYS A 534 5.02 -12.66 -1.38
CA LYS A 534 6.18 -13.45 -1.79
C LYS A 534 6.51 -13.20 -3.25
N THR A 535 5.53 -13.31 -4.13
CA THR A 535 5.76 -13.17 -5.56
C THR A 535 5.66 -11.70 -5.95
N GLY A 536 6.68 -11.20 -6.63
CA GLY A 536 6.72 -9.84 -7.11
C GLY A 536 7.37 -8.84 -6.18
N THR A 537 7.49 -9.16 -4.89
CA THR A 537 8.10 -8.25 -3.94
C THR A 537 9.36 -8.82 -3.33
N LEU A 538 9.31 -10.04 -2.78
CA LEU A 538 10.48 -10.68 -2.22
C LEU A 538 11.20 -11.56 -3.22
N THR A 539 10.45 -12.24 -4.08
CA THR A 539 11.00 -13.14 -5.08
C THR A 539 10.94 -12.48 -6.45
N SER A 540 12.06 -12.45 -7.15
CA SER A 540 12.11 -11.83 -8.46
C SER A 540 11.40 -12.70 -9.49
N ASP A 541 10.92 -12.04 -10.54
CA ASP A 541 10.25 -12.77 -11.62
C ASP A 541 11.22 -13.71 -12.33
N SER A 542 12.44 -13.25 -12.60
CA SER A 542 13.42 -14.06 -13.30
C SER A 542 13.78 -15.29 -12.48
N LEU A 543 13.83 -16.44 -13.13
CA LEU A 543 14.12 -17.71 -12.49
C LEU A 543 15.36 -18.34 -13.11
N VAL A 544 16.23 -18.88 -12.25
CA VAL A 544 17.49 -19.48 -12.67
C VAL A 544 17.55 -20.91 -12.15
N VAL A 545 18.10 -21.79 -12.97
CA VAL A 545 18.16 -23.22 -12.64
C VAL A 545 19.36 -23.46 -11.73
N ARG A 546 19.12 -24.11 -10.60
CA ARG A 546 20.21 -24.44 -9.69
C ARG A 546 21.01 -25.65 -10.18
N GLY A 547 20.37 -26.55 -10.93
CA GLY A 547 21.05 -27.70 -11.46
C GLY A 547 20.06 -28.70 -12.02
N VAL A 548 20.61 -29.81 -12.50
CA VAL A 548 19.84 -30.91 -13.06
C VAL A 548 20.00 -32.09 -12.12
N ALA A 549 18.90 -32.49 -11.48
CA ALA A 549 18.95 -33.51 -10.44
C ALA A 549 18.72 -34.90 -11.03
N GLY A 550 19.10 -35.91 -10.24
CA GLY A 550 18.89 -37.28 -10.61
C GLY A 550 19.98 -37.91 -11.45
N LEU A 551 21.01 -37.16 -11.82
CA LEU A 551 22.09 -37.70 -12.64
C LEU A 551 23.27 -38.19 -11.82
N ARG A 552 23.21 -38.08 -10.49
CA ARG A 552 24.29 -38.53 -9.63
C ARG A 552 23.71 -39.22 -8.41
N ASP A 553 24.55 -40.04 -7.76
CA ASP A 553 24.11 -40.78 -6.59
C ASP A 553 23.73 -39.83 -5.46
N GLY A 554 22.67 -40.18 -4.73
CA GLY A 554 22.19 -39.37 -3.65
C GLY A 554 21.27 -38.27 -4.13
N LYS A 555 20.84 -37.44 -3.17
CA LYS A 555 19.95 -36.32 -3.46
C LYS A 555 20.69 -35.08 -3.94
N GLU A 556 22.02 -35.11 -3.98
CA GLU A 556 22.78 -33.96 -4.44
C GLU A 556 22.51 -33.69 -5.92
N VAL A 557 22.35 -32.42 -6.26
CA VAL A 557 22.09 -32.00 -7.63
C VAL A 557 23.42 -31.67 -8.30
N THR A 558 23.62 -32.19 -9.50
CA THR A 558 24.86 -31.91 -10.19
C THR A 558 24.69 -30.70 -11.12
N PRO A 559 25.74 -29.89 -11.30
CA PRO A 559 25.64 -28.74 -12.19
C PRO A 559 25.38 -29.17 -13.62
N VAL A 560 24.94 -28.20 -14.43
CA VAL A 560 24.67 -28.46 -15.84
C VAL A 560 25.94 -28.82 -16.58
N SER A 561 27.10 -28.43 -16.05
CA SER A 561 28.37 -28.74 -16.71
C SER A 561 28.63 -30.23 -16.76
N SER A 562 28.32 -30.95 -15.67
CA SER A 562 28.70 -32.35 -15.53
C SER A 562 27.61 -33.33 -15.95
N ILE A 563 26.44 -32.85 -16.36
CA ILE A 563 25.37 -33.76 -16.78
C ILE A 563 25.75 -34.35 -18.14
N PRO A 564 25.32 -35.58 -18.44
CA PRO A 564 25.70 -36.20 -19.72
C PRO A 564 25.06 -35.52 -20.91
N VAL A 565 25.61 -35.83 -22.09
CA VAL A 565 25.12 -35.23 -23.33
C VAL A 565 23.68 -35.65 -23.62
N GLU A 566 23.29 -36.83 -23.16
CA GLU A 566 21.90 -37.26 -23.31
C GLU A 566 20.96 -36.28 -22.60
N THR A 567 21.33 -35.85 -21.40
CA THR A 567 20.54 -34.83 -20.71
C THR A 567 20.57 -33.51 -21.48
N HIS A 568 21.71 -33.17 -22.10
CA HIS A 568 21.77 -31.97 -22.92
C HIS A 568 20.73 -32.00 -24.02
N ARG A 569 20.70 -33.09 -24.80
CA ARG A 569 19.75 -33.14 -25.91
C ARG A 569 18.32 -33.27 -25.40
N ALA A 570 18.09 -33.95 -24.28
CA ALA A 570 16.75 -34.04 -23.73
C ALA A 570 16.24 -32.65 -23.33
N LEU A 571 17.09 -31.84 -22.70
CA LEU A 571 16.69 -30.49 -22.33
C LEU A 571 16.50 -29.61 -23.55
N ALA A 572 17.39 -29.71 -24.53
CA ALA A 572 17.37 -28.78 -25.65
C ALA A 572 16.21 -29.08 -26.61
N SER A 573 16.00 -30.35 -26.93
CA SER A 573 15.00 -30.70 -27.94
C SER A 573 13.60 -30.38 -27.44
N CYS A 574 13.30 -30.68 -26.18
CA CYS A 574 11.94 -30.56 -25.64
C CYS A 574 11.74 -29.13 -25.15
N HIS A 575 11.15 -28.29 -26.00
CA HIS A 575 10.84 -26.91 -25.63
C HIS A 575 9.77 -26.38 -26.57
N SER A 576 8.92 -25.50 -26.05
CA SER A 576 7.87 -24.86 -26.84
C SER A 576 8.24 -23.46 -27.30
N LEU A 577 9.48 -23.04 -27.09
CA LEU A 577 9.89 -21.69 -27.47
C LEU A 577 9.89 -21.53 -28.99
N MET A 578 9.73 -20.28 -29.43
CA MET A 578 9.73 -19.94 -30.85
C MET A 578 10.62 -18.72 -31.08
N GLN A 579 10.90 -18.45 -32.36
CA GLN A 579 11.74 -17.35 -32.77
C GLN A 579 10.92 -16.34 -33.57
N LEU A 580 11.18 -15.06 -33.34
CA LEU A 580 10.50 -13.99 -34.06
C LEU A 580 11.31 -13.60 -35.30
N ASP A 581 10.85 -12.56 -36.00
CA ASP A 581 11.63 -12.01 -37.10
C ASP A 581 12.94 -11.43 -36.59
N ASP A 582 12.90 -10.73 -35.45
CA ASP A 582 14.13 -10.26 -34.83
C ASP A 582 14.94 -11.39 -34.23
N GLY A 583 14.28 -12.51 -33.89
CA GLY A 583 14.95 -13.65 -33.31
C GLY A 583 14.95 -13.70 -31.80
N THR A 584 14.27 -12.78 -31.13
CA THR A 584 14.25 -12.76 -29.67
C THR A 584 13.53 -13.99 -29.14
N LEU A 585 14.11 -14.59 -28.09
CA LEU A 585 13.54 -15.78 -27.48
C LEU A 585 12.43 -15.38 -26.52
N VAL A 586 11.23 -15.91 -26.74
CA VAL A 586 10.08 -15.64 -25.90
C VAL A 586 9.39 -16.95 -25.55
N GLY A 587 8.77 -17.01 -24.39
CA GLY A 587 8.08 -18.22 -23.97
C GLY A 587 8.04 -18.31 -22.46
N ASP A 588 7.74 -19.52 -21.99
CA ASP A 588 7.67 -19.77 -20.56
C ASP A 588 9.03 -19.50 -19.94
N PRO A 589 9.12 -18.70 -18.86
CA PRO A 589 10.42 -18.48 -18.22
C PRO A 589 11.09 -19.76 -17.76
N LEU A 590 10.31 -20.78 -17.38
CA LEU A 590 10.89 -22.09 -17.10
C LEU A 590 11.68 -22.58 -18.31
N GLU A 591 11.05 -22.61 -19.47
CA GLU A 591 11.74 -23.01 -20.69
C GLU A 591 12.83 -22.00 -21.07
N LYS A 592 12.65 -20.73 -20.74
CA LYS A 592 13.67 -19.73 -21.03
C LYS A 592 14.98 -20.08 -20.32
N ALA A 593 14.92 -20.31 -19.00
CA ALA A 593 16.12 -20.70 -18.28
C ALA A 593 16.57 -22.10 -18.67
N MET A 594 15.63 -22.96 -19.06
CA MET A 594 15.98 -24.30 -19.53
C MET A 594 16.89 -24.23 -20.75
N LEU A 595 16.56 -23.34 -21.69
CA LEU A 595 17.41 -23.17 -22.86
C LEU A 595 18.66 -22.35 -22.56
N THR A 596 18.56 -21.38 -21.65
CA THR A 596 19.73 -20.57 -21.31
C THR A 596 20.82 -21.41 -20.67
N ALA A 597 20.46 -22.32 -19.76
CA ALA A 597 21.44 -23.23 -19.19
C ALA A 597 22.05 -24.12 -20.26
N VAL A 598 21.21 -24.61 -21.18
CA VAL A 598 21.72 -25.38 -22.31
C VAL A 598 22.62 -24.50 -23.18
N ASP A 599 22.23 -23.24 -23.36
CA ASP A 599 22.95 -22.20 -24.08
C ASP A 599 22.99 -22.44 -25.59
N TRP A 600 22.42 -23.54 -26.09
CA TRP A 600 22.39 -23.77 -27.52
C TRP A 600 21.50 -22.74 -28.21
N THR A 601 21.96 -22.23 -29.35
CA THR A 601 21.18 -21.26 -30.09
C THR A 601 19.97 -21.92 -30.73
N LEU A 602 18.81 -21.29 -30.59
CA LEU A 602 17.58 -21.75 -31.22
C LEU A 602 17.35 -20.93 -32.48
N THR A 603 17.53 -21.55 -33.63
CA THR A 603 17.39 -20.86 -34.90
C THR A 603 15.92 -20.74 -35.30
N LYS A 604 15.66 -19.83 -36.24
CA LYS A 604 14.33 -19.68 -36.79
C LYS A 604 13.89 -20.91 -37.58
N ASP A 605 14.84 -21.69 -38.08
CA ASP A 605 14.54 -22.92 -38.82
C ASP A 605 14.32 -24.11 -37.91
N GLU A 606 14.03 -23.88 -36.63
CA GLU A 606 13.78 -24.95 -35.66
C GLU A 606 14.97 -25.90 -35.56
N LYS A 607 16.18 -25.35 -35.63
CA LYS A 607 17.41 -26.11 -35.46
C LYS A 607 18.14 -25.61 -34.22
N VAL A 608 18.46 -26.54 -33.32
CA VAL A 608 19.11 -26.21 -32.06
C VAL A 608 20.58 -26.58 -32.18
N PHE A 609 21.45 -25.58 -32.11
CA PHE A 609 22.87 -25.75 -32.39
C PHE A 609 23.70 -25.44 -31.15
N PRO A 610 24.63 -26.32 -30.78
CA PRO A 610 25.45 -26.05 -29.59
C PRO A 610 26.43 -24.91 -29.81
N ARG A 611 26.54 -24.04 -28.81
CA ARG A 611 27.52 -22.95 -28.87
C ARG A 611 28.93 -23.45 -28.62
N SER A 612 29.11 -24.33 -27.64
CA SER A 612 30.44 -24.77 -27.23
C SER A 612 30.62 -26.27 -27.23
N ILE A 613 29.67 -27.03 -27.77
CA ILE A 613 29.74 -28.49 -27.81
C ILE A 613 29.89 -28.93 -29.26
N LYS A 614 30.70 -29.95 -29.49
CA LYS A 614 30.94 -30.48 -30.84
C LYS A 614 29.97 -31.62 -31.12
N THR A 615 28.70 -31.26 -31.23
CA THR A 615 27.63 -32.20 -31.53
C THR A 615 26.76 -31.64 -32.64
N GLN A 616 26.18 -32.55 -33.43
CA GLN A 616 25.30 -32.14 -34.52
C GLN A 616 23.99 -31.59 -33.96
N GLY A 617 23.44 -30.59 -34.65
CA GLY A 617 22.21 -29.98 -34.20
C GLY A 617 21.01 -30.88 -34.40
N LEU A 618 19.93 -30.56 -33.70
CA LEU A 618 18.68 -31.30 -33.76
C LEU A 618 17.61 -30.42 -34.37
N LYS A 619 16.85 -30.99 -35.30
CA LYS A 619 15.75 -30.30 -35.97
C LYS A 619 14.43 -30.94 -35.55
N ILE A 620 13.51 -30.11 -35.06
CA ILE A 620 12.23 -30.59 -34.57
C ILE A 620 11.22 -30.62 -35.71
N HIS A 621 10.54 -31.75 -35.87
CA HIS A 621 9.52 -31.92 -36.90
C HIS A 621 8.12 -31.61 -36.39
N GLN A 622 7.72 -32.21 -35.28
CA GLN A 622 6.40 -31.98 -34.69
C GLN A 622 6.55 -31.71 -33.21
N ARG A 623 5.83 -30.70 -32.72
CA ARG A 623 5.80 -30.35 -31.31
C ARG A 623 4.38 -30.44 -30.81
N PHE A 624 4.17 -31.18 -29.73
CA PHE A 624 2.88 -31.28 -29.08
C PHE A 624 2.95 -30.57 -27.73
N HIS A 625 2.08 -29.58 -27.52
CA HIS A 625 2.14 -28.76 -26.34
C HIS A 625 1.47 -29.44 -25.15
N PHE A 626 1.54 -28.78 -23.99
CA PHE A 626 1.00 -29.35 -22.76
C PHE A 626 -0.49 -29.59 -22.89
N ALA A 627 -0.93 -30.75 -22.43
CA ALA A 627 -2.35 -31.07 -22.30
C ALA A 627 -2.67 -31.23 -20.83
N SER A 628 -3.65 -30.47 -20.34
CA SER A 628 -4.01 -30.55 -18.94
C SER A 628 -4.56 -31.91 -18.57
N ALA A 629 -5.22 -32.58 -19.51
CA ALA A 629 -5.65 -33.96 -19.27
C ALA A 629 -4.47 -34.89 -19.10
N LEU A 630 -3.43 -34.70 -19.92
CA LEU A 630 -2.32 -35.66 -19.97
C LEU A 630 -1.21 -35.35 -18.97
N LYS A 631 -1.02 -34.08 -18.60
CA LYS A 631 0.10 -33.66 -17.75
C LYS A 631 1.44 -34.10 -18.35
N ARG A 632 1.58 -33.93 -19.66
CA ARG A 632 2.83 -34.24 -20.34
C ARG A 632 2.89 -33.47 -21.64
N MET A 633 4.11 -33.19 -22.08
CA MET A 633 4.36 -32.44 -23.31
C MET A 633 5.47 -33.13 -24.09
N SER A 634 5.19 -33.46 -25.34
CA SER A 634 6.04 -34.34 -26.14
C SER A 634 6.58 -33.60 -27.35
N VAL A 635 7.86 -33.82 -27.64
CA VAL A 635 8.53 -33.20 -28.77
C VAL A 635 9.20 -34.29 -29.59
N LEU A 636 8.92 -34.30 -30.89
CA LEU A 636 9.46 -35.30 -31.81
C LEU A 636 10.49 -34.65 -32.73
N ALA A 637 11.68 -35.25 -32.81
CA ALA A 637 12.76 -34.70 -33.60
C ALA A 637 13.66 -35.83 -34.08
N SER A 638 14.53 -35.51 -35.04
CA SER A 638 15.48 -36.47 -35.58
C SER A 638 16.87 -35.86 -35.65
N TYR A 639 17.88 -36.69 -35.49
CA TYR A 639 19.27 -36.27 -35.60
C TYR A 639 19.98 -37.14 -36.62
N GLU A 640 20.93 -36.54 -37.34
CA GLU A 640 21.73 -37.30 -38.29
C GLU A 640 22.77 -38.13 -37.53
N LYS A 641 22.86 -39.41 -37.87
CA LYS A 641 23.85 -40.28 -37.24
C LYS A 641 25.25 -39.89 -37.67
N LEU A 642 26.21 -40.07 -36.76
CA LEU A 642 27.60 -39.71 -37.03
C LEU A 642 28.17 -40.66 -38.09
N GLY A 643 28.77 -40.09 -39.13
CA GLY A 643 29.37 -40.86 -40.19
C GLY A 643 28.39 -41.41 -41.21
N SER A 644 27.11 -41.05 -41.13
CA SER A 644 26.12 -41.56 -42.06
C SER A 644 25.07 -40.47 -42.31
N THR A 645 24.37 -40.61 -43.43
CA THR A 645 23.32 -39.68 -43.81
C THR A 645 21.95 -40.10 -43.31
N ASP A 646 21.84 -41.25 -42.65
CA ASP A 646 20.55 -41.72 -42.15
C ASP A 646 20.07 -40.83 -41.01
N LEU A 647 18.76 -40.68 -40.92
CA LEU A 647 18.12 -39.86 -39.90
C LEU A 647 17.56 -40.76 -38.80
N CYS A 648 17.98 -40.52 -37.57
CA CYS A 648 17.50 -41.27 -36.41
C CYS A 648 16.58 -40.36 -35.60
N TYR A 649 15.35 -40.82 -35.38
CA TYR A 649 14.34 -40.01 -34.70
C TYR A 649 14.35 -40.31 -33.21
N ILE A 650 14.55 -39.28 -32.40
CA ILE A 650 14.52 -39.36 -30.95
C ILE A 650 13.54 -38.33 -30.42
N ALA A 651 12.69 -38.75 -29.50
CA ALA A 651 11.70 -37.87 -28.90
C ALA A 651 11.95 -37.78 -27.40
N ALA A 652 12.09 -36.57 -26.88
CA ALA A 652 12.23 -36.31 -25.46
C ALA A 652 10.95 -35.67 -24.95
N VAL A 653 10.29 -36.33 -24.01
CA VAL A 653 9.02 -35.86 -23.47
C VAL A 653 9.22 -35.52 -22.00
N LYS A 654 8.68 -34.37 -21.60
CA LYS A 654 8.78 -33.87 -20.24
C LYS A 654 7.40 -33.46 -19.76
N GLY A 655 7.20 -33.50 -18.45
CA GLY A 655 5.90 -33.18 -17.90
C GLY A 655 5.82 -33.50 -16.43
N ALA A 656 4.60 -33.76 -15.97
CA ALA A 656 4.38 -34.06 -14.57
C ALA A 656 5.14 -35.32 -14.18
N PRO A 657 5.96 -35.28 -13.14
CA PRO A 657 6.79 -36.43 -12.79
C PRO A 657 5.99 -37.63 -12.30
N GLU A 658 4.94 -37.38 -11.52
CA GLU A 658 4.16 -38.49 -10.97
C GLU A 658 3.47 -39.28 -12.07
N THR A 659 2.93 -38.59 -13.09
CA THR A 659 2.32 -39.29 -14.21
C THR A 659 3.38 -39.91 -15.12
N LEU A 660 4.46 -39.18 -15.38
CA LEU A 660 5.50 -39.66 -16.27
C LEU A 660 6.26 -40.84 -15.69
N HIS A 661 6.14 -41.08 -14.39
CA HIS A 661 6.88 -42.17 -13.75
C HIS A 661 6.53 -43.52 -14.37
N SER A 662 5.24 -43.79 -14.55
CA SER A 662 4.82 -45.09 -15.06
C SER A 662 5.31 -45.33 -16.48
N MET A 663 5.43 -44.28 -17.28
CA MET A 663 5.86 -44.46 -18.67
C MET A 663 7.34 -44.85 -18.78
N PHE A 664 8.11 -44.70 -17.70
CA PHE A 664 9.50 -45.11 -17.74
C PHE A 664 9.60 -46.64 -17.79
N SER A 665 10.38 -47.14 -18.75
CA SER A 665 10.65 -48.57 -18.80
C SER A 665 11.57 -49.00 -17.68
N GLN A 666 12.60 -48.19 -17.39
CA GLN A 666 13.52 -48.41 -16.28
C GLN A 666 13.47 -47.21 -15.36
N CYS A 667 13.27 -47.46 -14.06
CA CYS A 667 13.12 -46.40 -13.09
C CYS A 667 13.99 -46.70 -11.87
N PRO A 668 14.78 -45.72 -11.40
CA PRO A 668 15.58 -45.97 -10.20
C PRO A 668 14.69 -46.16 -8.99
N PRO A 669 15.12 -46.97 -8.02
CA PRO A 669 14.29 -47.18 -6.82
C PRO A 669 14.06 -45.92 -6.01
N ASP A 670 15.03 -45.00 -5.97
CA ASP A 670 14.89 -43.77 -5.19
C ASP A 670 14.14 -42.68 -5.92
N TYR A 671 13.34 -43.03 -6.93
CA TYR A 671 12.61 -42.03 -7.71
C TYR A 671 11.67 -41.23 -6.82
N HIS A 672 10.80 -41.93 -6.08
CA HIS A 672 9.82 -41.26 -5.25
C HIS A 672 10.49 -40.53 -4.09
N HIS A 673 11.54 -41.11 -3.53
CA HIS A 673 12.24 -40.48 -2.41
C HIS A 673 12.88 -39.16 -2.82
N ILE A 674 13.60 -39.17 -3.95
CA ILE A 674 14.21 -37.94 -4.44
C ILE A 674 13.15 -36.93 -4.83
N HIS A 675 12.06 -37.39 -5.47
CA HIS A 675 10.97 -36.49 -5.80
C HIS A 675 10.40 -35.83 -4.56
N THR A 676 10.15 -36.60 -3.51
CA THR A 676 9.58 -36.05 -2.28
C THR A 676 10.53 -35.03 -1.65
N GLU A 677 11.83 -35.36 -1.58
CA GLU A 677 12.76 -34.44 -0.98
C GLU A 677 12.87 -33.15 -1.78
N ILE A 678 12.86 -33.24 -3.11
CA ILE A 678 12.88 -32.03 -3.93
C ILE A 678 11.60 -31.22 -3.71
N SER A 679 10.47 -31.91 -3.61
CA SER A 679 9.20 -31.20 -3.39
C SER A 679 9.18 -30.48 -2.06
N ARG A 680 9.77 -31.06 -1.02
CA ARG A 680 9.82 -30.38 0.27
C ARG A 680 10.55 -29.05 0.16
N GLU A 681 11.57 -28.99 -0.70
CA GLU A 681 12.25 -27.73 -0.96
C GLU A 681 11.36 -26.72 -1.67
N GLY A 682 10.26 -27.17 -2.28
CA GLY A 682 9.30 -26.31 -2.90
C GLY A 682 9.62 -25.91 -4.31
N ALA A 683 10.84 -26.15 -4.79
CA ALA A 683 11.20 -25.81 -6.15
C ALA A 683 10.38 -26.64 -7.13
N ARG A 684 10.00 -26.03 -8.24
CA ARG A 684 9.22 -26.73 -9.25
C ARG A 684 10.02 -27.87 -9.84
N VAL A 685 9.61 -29.11 -9.55
CA VAL A 685 10.29 -30.30 -10.03
C VAL A 685 9.55 -30.82 -11.25
N LEU A 686 10.30 -31.19 -12.28
CA LEU A 686 9.71 -31.67 -13.53
C LEU A 686 10.66 -32.70 -14.13
N ALA A 687 10.14 -33.91 -14.35
CA ALA A 687 10.98 -35.00 -14.82
C ALA A 687 11.34 -34.84 -16.28
N LEU A 688 12.51 -35.33 -16.65
CA LEU A 688 13.01 -35.31 -18.01
C LEU A 688 13.04 -36.73 -18.56
N GLY A 689 12.56 -36.90 -19.79
CA GLY A 689 12.46 -38.21 -20.38
C GLY A 689 13.12 -38.26 -21.75
N TYR A 690 13.52 -39.46 -22.14
CA TYR A 690 14.21 -39.69 -23.41
C TYR A 690 14.09 -41.15 -23.79
N LYS A 691 13.67 -41.41 -25.02
CA LYS A 691 13.49 -42.76 -25.52
C LYS A 691 14.32 -42.96 -26.79
N GLU A 692 14.94 -44.13 -26.90
CA GLU A 692 15.76 -44.44 -28.06
C GLU A 692 14.93 -44.48 -29.33
N LEU A 693 13.83 -45.24 -29.31
CA LEU A 693 12.85 -45.30 -30.39
C LEU A 693 13.40 -45.97 -31.64
N GLY A 694 14.67 -46.35 -31.63
CA GLY A 694 15.24 -46.98 -32.80
C GLY A 694 15.29 -46.06 -34.01
N HIS A 695 15.25 -46.67 -35.18
CA HIS A 695 15.22 -45.93 -36.43
C HIS A 695 13.80 -45.81 -36.95
N LEU A 696 13.47 -44.63 -37.47
CA LEU A 696 12.13 -44.34 -37.99
C LEU A 696 12.23 -43.73 -39.37
N THR A 697 11.28 -44.07 -40.22
CA THR A 697 11.24 -43.53 -41.59
C THR A 697 10.57 -42.16 -41.59
N HIS A 698 10.72 -41.47 -42.72
CA HIS A 698 10.13 -40.14 -42.86
C HIS A 698 8.61 -40.18 -42.80
N GLN A 699 8.01 -41.13 -43.52
CA GLN A 699 6.55 -41.23 -43.51
C GLN A 699 6.02 -41.66 -42.14
N GLN A 700 6.74 -42.59 -41.48
CA GLN A 700 6.28 -43.05 -40.17
C GLN A 700 6.32 -41.94 -39.13
N ALA A 701 7.19 -40.94 -39.32
CA ALA A 701 7.21 -39.80 -38.41
C ALA A 701 5.88 -39.05 -38.44
N ARG A 702 5.34 -38.83 -39.63
CA ARG A 702 4.00 -38.26 -39.74
C ARG A 702 2.94 -39.23 -39.26
N GLU A 703 3.11 -40.52 -39.56
CA GLU A 703 2.11 -41.52 -39.17
C GLU A 703 2.00 -41.64 -37.66
N VAL A 704 3.12 -41.63 -36.95
CA VAL A 704 3.11 -41.79 -35.50
C VAL A 704 2.50 -40.55 -34.86
N LYS A 705 1.48 -40.75 -34.04
CA LYS A 705 0.79 -39.63 -33.42
C LYS A 705 1.64 -38.98 -32.33
N ARG A 706 1.37 -37.70 -32.07
CA ARG A 706 2.14 -36.96 -31.09
C ARG A 706 1.96 -37.50 -29.68
N GLU A 707 0.82 -38.13 -29.41
CA GLU A 707 0.56 -38.72 -28.09
C GLU A 707 1.04 -40.16 -27.99
N ALA A 708 1.59 -40.73 -29.07
CA ALA A 708 2.04 -42.11 -29.04
C ALA A 708 3.48 -42.26 -28.59
N LEU A 709 4.20 -41.15 -28.38
CA LEU A 709 5.61 -41.25 -28.04
C LEU A 709 5.81 -41.56 -26.56
N GLU A 710 4.77 -41.45 -25.75
CA GLU A 710 4.92 -41.57 -24.30
C GLU A 710 5.26 -42.99 -23.88
N CYS A 711 4.94 -43.99 -24.70
CA CYS A 711 5.10 -45.38 -24.29
C CYS A 711 6.57 -45.78 -24.25
N SER A 712 6.90 -46.61 -23.25
CA SER A 712 8.22 -47.24 -23.13
C SER A 712 9.35 -46.21 -23.05
N LEU A 713 9.20 -45.27 -22.12
CA LEU A 713 10.19 -44.21 -21.96
C LEU A 713 11.35 -44.67 -21.08
N LYS A 714 12.44 -43.91 -21.11
CA LYS A 714 13.61 -44.16 -20.28
C LYS A 714 13.90 -42.93 -19.43
N PHE A 715 14.13 -43.15 -18.13
CA PHE A 715 14.38 -42.06 -17.20
C PHE A 715 15.74 -41.43 -17.45
N VAL A 716 15.80 -40.10 -17.33
CA VAL A 716 17.05 -39.38 -17.57
C VAL A 716 17.41 -38.53 -16.36
N GLY A 717 16.42 -38.07 -15.61
CA GLY A 717 16.66 -37.29 -14.43
C GLY A 717 15.62 -36.18 -14.26
N PHE A 718 15.78 -35.44 -13.18
CA PHE A 718 14.93 -34.30 -12.85
C PHE A 718 15.62 -33.00 -13.23
N ILE A 719 14.81 -31.94 -13.29
CA ILE A 719 15.30 -30.56 -13.32
C ILE A 719 14.67 -29.82 -12.16
N VAL A 720 15.49 -29.12 -11.38
CA VAL A 720 15.01 -28.34 -10.25
C VAL A 720 15.14 -26.87 -10.60
N VAL A 721 14.04 -26.13 -10.42
CA VAL A 721 13.98 -24.71 -10.73
C VAL A 721 13.25 -24.01 -9.61
N SER A 722 13.82 -22.93 -9.10
CA SER A 722 13.21 -22.14 -8.04
C SER A 722 13.37 -20.66 -8.35
N CYS A 723 12.51 -19.86 -7.74
CA CYS A 723 12.60 -18.42 -7.89
C CYS A 723 13.65 -17.88 -6.93
N PRO A 724 14.68 -17.20 -7.42
CA PRO A 724 15.72 -16.69 -6.52
C PRO A 724 15.32 -15.34 -5.93
N LEU A 725 15.56 -15.19 -4.63
CA LEU A 725 15.31 -13.93 -3.95
C LEU A 725 16.28 -12.86 -4.43
N LYS A 726 15.84 -11.61 -4.36
CA LYS A 726 16.73 -10.50 -4.68
C LYS A 726 17.83 -10.40 -3.63
N ALA A 727 18.96 -9.82 -4.04
CA ALA A 727 20.16 -9.87 -3.21
C ALA A 727 19.97 -9.14 -1.89
N ASP A 728 19.32 -7.99 -1.92
CA ASP A 728 19.19 -7.15 -0.73
C ASP A 728 17.96 -7.46 0.10
N SER A 729 17.15 -8.44 -0.30
CA SER A 729 15.95 -8.77 0.47
C SER A 729 16.30 -9.28 1.86
N LYS A 730 17.30 -10.15 1.96
CA LYS A 730 17.64 -10.74 3.25
C LYS A 730 18.13 -9.68 4.23
N ALA A 731 18.97 -8.75 3.76
CA ALA A 731 19.46 -7.70 4.64
C ALA A 731 18.34 -6.81 5.15
N VAL A 732 17.40 -6.46 4.27
CA VAL A 732 16.28 -5.62 4.68
C VAL A 732 15.41 -6.35 5.69
N ILE A 733 15.13 -7.63 5.45
CA ILE A 733 14.30 -8.39 6.37
C ILE A 733 14.97 -8.49 7.74
N ARG A 734 16.29 -8.74 7.76
CA ARG A 734 17.01 -8.82 9.02
C ARG A 734 16.98 -7.48 9.74
N GLU A 735 17.20 -6.38 9.02
CA GLU A 735 17.20 -5.06 9.64
C GLU A 735 15.83 -4.73 10.24
N ILE A 736 14.75 -5.10 9.53
CA ILE A 736 13.42 -4.86 10.07
C ILE A 736 13.19 -5.74 11.30
N GLN A 737 13.64 -6.98 11.27
CA GLN A 737 13.43 -7.87 12.40
C GLN A 737 14.22 -7.43 13.63
N ASN A 738 15.32 -6.70 13.42
CA ASN A 738 16.11 -6.20 14.54
C ASN A 738 15.52 -4.93 15.16
N ALA A 739 14.41 -4.42 14.63
CA ALA A 739 13.76 -3.22 15.14
C ALA A 739 12.53 -3.51 15.99
N SER A 740 12.51 -4.68 16.64
CA SER A 740 11.35 -5.10 17.44
C SER A 740 10.08 -5.10 16.61
N HIS A 741 10.19 -5.58 15.37
CA HIS A 741 9.07 -5.65 14.44
C HIS A 741 8.69 -7.11 14.20
N ARG A 742 7.49 -7.30 13.66
CA ARG A 742 6.99 -8.62 13.30
C ARG A 742 6.72 -8.65 11.80
N VAL A 743 7.17 -9.70 11.14
CA VAL A 743 7.06 -9.84 9.69
C VAL A 743 6.23 -11.07 9.37
N VAL A 744 5.24 -10.88 8.50
CA VAL A 744 4.30 -11.93 8.10
C VAL A 744 4.21 -11.95 6.59
N MET A 745 4.10 -13.15 6.02
CA MET A 745 4.03 -13.33 4.58
C MET A 745 2.59 -13.67 4.20
N ILE A 746 2.04 -12.90 3.26
CA ILE A 746 0.68 -13.10 2.76
C ILE A 746 0.79 -13.23 1.24
N THR A 747 0.76 -14.46 0.75
CA THR A 747 0.90 -14.73 -0.68
C THR A 747 -0.05 -15.84 -1.08
N GLY A 748 -0.23 -16.01 -2.39
CA GLY A 748 -1.18 -16.97 -2.88
C GLY A 748 -0.58 -18.18 -3.57
N ASP A 749 0.74 -18.33 -3.48
CA ASP A 749 1.41 -19.45 -4.12
C ASP A 749 1.13 -20.74 -3.35
N ASN A 750 1.79 -21.81 -3.78
CA ASN A 750 1.67 -23.07 -3.07
C ASN A 750 2.22 -22.91 -1.66
N PRO A 751 1.57 -23.50 -0.65
CA PRO A 751 2.05 -23.30 0.73
C PRO A 751 3.46 -23.80 0.97
N LEU A 752 3.86 -24.90 0.32
CA LEU A 752 5.20 -25.40 0.51
C LEU A 752 6.25 -24.42 0.02
N THR A 753 6.02 -23.83 -1.16
CA THR A 753 6.97 -22.85 -1.69
C THR A 753 7.03 -21.62 -0.80
N ALA A 754 5.88 -21.17 -0.29
CA ALA A 754 5.86 -20.00 0.59
C ALA A 754 6.63 -20.29 1.88
N CYS A 755 6.44 -21.49 2.45
CA CYS A 755 7.17 -21.84 3.66
C CYS A 755 8.66 -21.90 3.42
N HIS A 756 9.07 -22.46 2.28
CA HIS A 756 10.50 -22.53 1.97
C HIS A 756 11.09 -21.13 1.82
N VAL A 757 10.39 -20.24 1.11
CA VAL A 757 10.89 -18.89 0.92
C VAL A 757 10.96 -18.15 2.25
N ALA A 758 9.96 -18.34 3.10
CA ALA A 758 9.99 -17.72 4.42
C ALA A 758 11.16 -18.24 5.25
N GLN A 759 11.44 -19.54 5.14
CA GLN A 759 12.57 -20.11 5.86
C GLN A 759 13.89 -19.51 5.38
N GLU A 760 14.02 -19.32 4.06
CA GLU A 760 15.27 -18.80 3.53
C GLU A 760 15.51 -17.36 3.97
N LEU A 761 14.45 -16.57 4.08
CA LEU A 761 14.56 -15.16 4.49
C LEU A 761 14.52 -14.98 6.00
N HIS A 762 14.56 -16.08 6.76
CA HIS A 762 14.53 -16.03 8.22
C HIS A 762 13.26 -15.38 8.75
N PHE A 763 12.16 -15.51 8.01
CA PHE A 763 10.86 -15.20 8.58
C PHE A 763 10.57 -16.09 9.77
N ILE A 764 10.90 -17.37 9.66
CA ILE A 764 10.67 -18.37 10.69
C ILE A 764 12.02 -18.94 11.10
N GLU A 765 12.26 -19.01 12.40
CA GLU A 765 13.49 -19.57 12.93
C GLU A 765 13.27 -20.90 13.66
N LYS A 766 12.03 -21.35 13.77
CA LYS A 766 11.77 -22.62 14.44
C LYS A 766 12.26 -23.78 13.59
N ALA A 767 12.49 -24.92 14.25
CA ALA A 767 12.99 -26.10 13.55
C ALA A 767 11.98 -26.60 12.53
N HIS A 768 10.70 -26.65 12.90
CA HIS A 768 9.66 -27.20 12.05
C HIS A 768 8.50 -26.22 11.97
N THR A 769 7.75 -26.31 10.87
CA THR A 769 6.54 -25.53 10.68
C THR A 769 5.43 -26.45 10.21
N LEU A 770 4.22 -26.22 10.72
CA LEU A 770 3.10 -27.12 10.49
C LEU A 770 2.03 -26.45 9.65
N ILE A 771 1.46 -27.21 8.73
CA ILE A 771 0.39 -26.74 7.85
C ILE A 771 -0.95 -26.99 8.53
N LEU A 772 -1.88 -26.05 8.39
CA LEU A 772 -3.25 -26.25 8.83
C LEU A 772 -4.14 -26.40 7.61
N GLN A 773 -4.95 -27.46 7.59
CA GLN A 773 -5.74 -27.81 6.42
C GLN A 773 -7.20 -28.00 6.82
N PRO A 774 -8.12 -27.71 5.90
CA PRO A 774 -9.53 -28.01 6.17
C PRO A 774 -9.77 -29.50 6.14
N PRO A 775 -10.74 -30.01 6.89
CA PRO A 775 -11.03 -31.44 6.90
C PRO A 775 -11.90 -31.86 5.73
N SER A 776 -11.51 -32.96 5.08
CA SER A 776 -12.30 -33.48 3.97
C SER A 776 -13.66 -33.96 4.45
N GLU A 777 -13.70 -34.63 5.60
CA GLU A 777 -14.94 -35.13 6.17
C GLU A 777 -15.53 -34.08 7.10
N LYS A 778 -16.81 -33.78 6.93
CA LYS A 778 -17.47 -32.81 7.79
C LYS A 778 -17.55 -33.33 9.22
N GLY A 779 -17.41 -32.41 10.18
CA GLY A 779 -17.43 -32.76 11.58
C GLY A 779 -16.12 -33.24 12.15
N ARG A 780 -15.05 -33.24 11.36
CA ARG A 780 -13.73 -33.67 11.83
C ARG A 780 -12.91 -32.45 12.23
N GLN A 781 -12.32 -32.51 13.42
CA GLN A 781 -11.53 -31.40 13.92
C GLN A 781 -10.28 -31.21 13.07
N CYS A 782 -9.95 -29.95 12.80
CA CYS A 782 -8.75 -29.62 12.04
C CYS A 782 -7.50 -30.04 12.80
N GLU A 783 -6.54 -30.59 12.08
CA GLU A 783 -5.29 -31.07 12.66
C GLU A 783 -4.12 -30.53 11.86
N TRP A 784 -3.11 -30.00 12.55
CA TRP A 784 -1.91 -29.54 11.88
C TRP A 784 -1.09 -30.72 11.37
N ARG A 785 -0.45 -30.54 10.22
CA ARG A 785 0.55 -31.49 9.74
C ARG A 785 1.83 -30.73 9.44
N SER A 786 2.96 -31.32 9.80
CA SER A 786 4.24 -30.69 9.51
C SER A 786 4.59 -30.84 8.03
N ILE A 787 5.52 -30.01 7.58
CA ILE A 787 6.03 -30.14 6.22
C ILE A 787 6.68 -31.50 6.03
N ASP A 788 7.47 -31.93 7.01
CA ASP A 788 8.01 -33.28 6.98
C ASP A 788 6.98 -34.33 7.37
N GLY A 789 5.85 -33.92 7.91
CA GLY A 789 4.81 -34.85 8.33
C GLY A 789 5.08 -35.57 9.63
N SER A 790 6.12 -35.17 10.37
CA SER A 790 6.48 -35.89 11.59
C SER A 790 5.50 -35.62 12.71
N ILE A 791 5.05 -34.37 12.87
CA ILE A 791 4.23 -33.97 14.00
C ILE A 791 2.82 -33.66 13.51
N VAL A 792 1.84 -34.29 14.13
CA VAL A 792 0.42 -34.05 13.85
C VAL A 792 -0.28 -33.85 15.17
N LEU A 793 -1.07 -32.78 15.27
CA LEU A 793 -1.77 -32.48 16.52
C LEU A 793 -3.02 -31.64 16.22
N PRO A 794 -4.19 -32.06 16.68
CA PRO A 794 -5.39 -31.27 16.45
C PRO A 794 -5.35 -29.96 17.22
N LEU A 795 -6.09 -28.98 16.70
CA LEU A 795 -6.13 -27.66 17.33
C LEU A 795 -6.82 -27.73 18.69
N ALA A 796 -6.29 -26.98 19.64
CA ALA A 796 -6.87 -26.89 20.97
C ALA A 796 -7.69 -25.62 21.11
N ARG A 797 -8.72 -25.68 21.96
CA ARG A 797 -9.57 -24.52 22.17
C ARG A 797 -8.85 -23.40 22.90
N GLY A 798 -7.69 -23.67 23.49
CA GLY A 798 -6.94 -22.68 24.23
C GLY A 798 -6.11 -21.79 23.32
N SER A 799 -5.29 -20.96 23.97
CA SER A 799 -4.45 -20.03 23.23
C SER A 799 -3.38 -20.79 22.45
N PRO A 800 -2.98 -20.27 21.29
CA PRO A 800 -1.95 -20.94 20.49
C PRO A 800 -0.54 -20.54 20.90
N LYS A 801 -0.40 -19.93 22.06
CA LYS A 801 0.90 -19.39 22.47
C LYS A 801 1.95 -20.50 22.60
N ALA A 802 1.57 -21.62 23.22
CA ALA A 802 2.52 -22.71 23.38
C ALA A 802 2.94 -23.30 22.04
N LEU A 803 1.97 -23.49 21.13
CA LEU A 803 2.30 -24.03 19.82
C LEU A 803 3.20 -23.07 19.05
N ALA A 804 2.91 -21.77 19.13
CA ALA A 804 3.74 -20.78 18.45
C ALA A 804 5.16 -20.78 19.01
N LEU A 805 5.29 -20.90 20.33
CA LEU A 805 6.62 -20.98 20.93
C LEU A 805 7.35 -22.24 20.47
N GLU A 806 6.65 -23.36 20.39
CA GLU A 806 7.29 -24.60 19.98
C GLU A 806 7.72 -24.56 18.51
N TYR A 807 6.87 -24.02 17.64
CA TYR A 807 7.12 -24.08 16.20
C TYR A 807 6.30 -23.00 15.51
N ALA A 808 6.68 -22.72 14.25
CA ALA A 808 6.02 -21.68 13.48
C ALA A 808 4.68 -22.15 12.96
N LEU A 809 3.78 -21.19 12.75
CA LEU A 809 2.39 -21.47 12.37
C LEU A 809 2.09 -20.79 11.04
N CYS A 810 1.41 -21.51 10.14
CA CYS A 810 1.02 -20.97 8.84
C CYS A 810 -0.39 -21.44 8.51
N LEU A 811 -1.15 -20.58 7.85
CA LEU A 811 -2.55 -20.83 7.54
C LEU A 811 -2.77 -20.69 6.04
N THR A 812 -3.51 -21.63 5.47
CA THR A 812 -3.87 -21.60 4.05
C THR A 812 -5.21 -20.89 3.87
N GLY A 813 -5.47 -20.51 2.62
CA GLY A 813 -6.71 -19.82 2.33
C GLY A 813 -7.94 -20.68 2.53
N ASP A 814 -7.85 -21.96 2.14
CA ASP A 814 -8.98 -22.87 2.36
C ASP A 814 -9.26 -23.04 3.84
N GLY A 815 -8.21 -23.22 4.64
CA GLY A 815 -8.40 -23.31 6.08
C GLY A 815 -8.96 -22.02 6.66
N LEU A 816 -8.52 -20.88 6.14
CA LEU A 816 -9.04 -19.60 6.59
C LEU A 816 -10.54 -19.50 6.31
N ALA A 817 -10.95 -19.92 5.11
CA ALA A 817 -12.37 -19.88 4.77
C ALA A 817 -13.17 -20.82 5.66
N HIS A 818 -12.64 -22.02 5.91
CA HIS A 818 -13.34 -22.97 6.75
C HIS A 818 -13.49 -22.45 8.18
N LEU A 819 -12.44 -21.84 8.72
CA LEU A 819 -12.54 -21.26 10.06
C LEU A 819 -13.49 -20.07 10.10
N GLN A 820 -13.46 -19.24 9.06
CA GLN A 820 -14.37 -18.10 9.00
C GLN A 820 -15.82 -18.56 8.99
N ALA A 821 -16.12 -19.61 8.21
CA ALA A 821 -17.47 -20.15 8.21
C ALA A 821 -17.81 -20.83 9.54
N THR A 822 -16.82 -21.43 10.19
CA THR A 822 -17.07 -22.18 11.43
C THR A 822 -17.11 -21.26 12.64
N ASP A 823 -15.99 -20.60 12.93
CA ASP A 823 -15.89 -19.76 14.12
C ASP A 823 -14.91 -18.62 13.93
N PRO A 824 -15.39 -17.38 13.85
CA PRO A 824 -14.48 -16.25 13.71
C PRO A 824 -13.53 -16.07 14.88
N GLN A 825 -13.98 -16.40 16.09
CA GLN A 825 -13.21 -16.07 17.29
C GLN A 825 -11.86 -16.78 17.30
N GLN A 826 -11.84 -18.07 16.97
CA GLN A 826 -10.58 -18.80 16.95
C GLN A 826 -9.65 -18.24 15.89
N LEU A 827 -10.20 -17.85 14.74
CA LEU A 827 -9.38 -17.26 13.69
C LEU A 827 -8.77 -15.94 14.13
N LEU A 828 -9.54 -15.10 14.82
CA LEU A 828 -9.01 -13.84 15.31
C LEU A 828 -7.92 -14.08 16.35
N ARG A 829 -8.08 -15.09 17.21
CA ARG A 829 -6.98 -15.39 18.13
C ARG A 829 -5.76 -15.95 17.40
N LEU A 830 -5.97 -16.73 16.34
CA LEU A 830 -4.84 -17.38 15.67
C LEU A 830 -4.04 -16.43 14.79
N ILE A 831 -4.71 -15.47 14.14
CA ILE A 831 -4.09 -14.61 13.13
C ILE A 831 -2.84 -13.89 13.63
N PRO A 832 -2.81 -13.30 14.83
CA PRO A 832 -1.61 -12.57 15.24
C PRO A 832 -0.35 -13.40 15.33
N HIS A 833 -0.46 -14.73 15.45
CA HIS A 833 0.71 -15.58 15.62
C HIS A 833 0.98 -16.46 14.39
N VAL A 834 0.52 -16.05 13.22
CA VAL A 834 0.76 -16.80 11.99
C VAL A 834 1.84 -16.08 11.18
N GLN A 835 2.85 -16.83 10.75
CA GLN A 835 3.97 -16.22 10.05
C GLN A 835 3.78 -16.25 8.54
N VAL A 836 3.17 -17.31 8.00
CA VAL A 836 3.02 -17.49 6.57
C VAL A 836 1.55 -17.67 6.24
N PHE A 837 1.08 -16.92 5.25
CA PHE A 837 -0.28 -17.06 4.72
C PHE A 837 -0.18 -17.46 3.26
N ALA A 838 -0.86 -18.55 2.90
CA ALA A 838 -0.75 -19.12 1.57
C ALA A 838 -2.14 -19.36 0.98
N ARG A 839 -2.19 -19.33 -0.36
CA ARG A 839 -3.43 -19.56 -1.11
C ARG A 839 -4.53 -18.62 -0.63
N VAL A 840 -4.15 -17.37 -0.41
CA VAL A 840 -5.04 -16.36 0.16
C VAL A 840 -5.65 -15.53 -0.96
N ALA A 841 -6.97 -15.40 -0.93
CA ALA A 841 -7.69 -14.67 -1.97
C ALA A 841 -7.52 -13.16 -1.76
N PRO A 842 -7.73 -12.37 -2.81
CA PRO A 842 -7.61 -10.91 -2.66
C PRO A 842 -8.53 -10.33 -1.60
N LYS A 843 -9.74 -10.87 -1.46
CA LYS A 843 -10.61 -10.43 -0.37
C LYS A 843 -10.11 -10.95 0.97
N GLN A 844 -9.53 -12.15 0.98
CA GLN A 844 -9.01 -12.71 2.22
C GLN A 844 -7.80 -11.94 2.73
N LYS A 845 -6.99 -11.39 1.82
CA LYS A 845 -5.92 -10.48 2.24
C LYS A 845 -6.49 -9.31 3.02
N GLU A 846 -7.54 -8.68 2.49
CA GLU A 846 -8.17 -7.56 3.16
C GLU A 846 -8.73 -7.97 4.50
N PHE A 847 -9.34 -9.15 4.57
CA PHE A 847 -9.87 -9.63 5.85
C PHE A 847 -8.76 -9.82 6.88
N VAL A 848 -7.63 -10.40 6.46
CA VAL A 848 -6.51 -10.61 7.38
C VAL A 848 -5.97 -9.28 7.88
N ILE A 849 -5.80 -8.32 6.96
CA ILE A 849 -5.24 -7.03 7.35
C ILE A 849 -6.19 -6.29 8.28
N THR A 850 -7.50 -6.34 8.01
CA THR A 850 -8.46 -5.72 8.91
C THR A 850 -8.46 -6.41 10.27
N SER A 851 -8.30 -7.73 10.29
CA SER A 851 -8.25 -8.44 11.56
C SER A 851 -7.04 -8.00 12.38
N LEU A 852 -5.88 -7.87 11.74
CA LEU A 852 -4.71 -7.37 12.45
C LEU A 852 -4.93 -5.94 12.94
N LYS A 853 -5.53 -5.10 12.10
CA LYS A 853 -5.73 -3.70 12.45
C LYS A 853 -6.69 -3.54 13.63
N GLU A 854 -7.76 -4.36 13.67
CA GLU A 854 -8.74 -4.24 14.75
C GLU A 854 -8.14 -4.56 16.10
N LEU A 855 -7.15 -5.45 16.15
CA LEU A 855 -6.50 -5.74 17.42
C LEU A 855 -5.73 -4.53 17.96
N GLY A 856 -5.44 -3.56 17.10
CA GLY A 856 -4.76 -2.36 17.53
C GLY A 856 -3.39 -2.21 16.89
N TYR A 857 -2.91 -3.27 16.26
CA TYR A 857 -1.61 -3.25 15.63
C TYR A 857 -1.65 -2.40 14.36
N VAL A 858 -0.66 -1.54 14.19
CA VAL A 858 -0.50 -0.79 12.94
C VAL A 858 0.11 -1.71 11.90
N THR A 859 -0.49 -1.75 10.72
CA THR A 859 -0.16 -2.74 9.70
C THR A 859 0.54 -2.08 8.51
N LEU A 860 1.61 -2.72 8.05
CA LEU A 860 2.38 -2.28 6.89
C LEU A 860 2.51 -3.44 5.91
N MET A 861 2.26 -3.17 4.63
CA MET A 861 2.33 -4.21 3.61
C MET A 861 3.05 -3.70 2.37
N CYS A 862 3.76 -4.60 1.70
CA CYS A 862 4.53 -4.29 0.50
C CYS A 862 4.18 -5.32 -0.57
N GLY A 863 3.34 -4.91 -1.53
CA GLY A 863 2.94 -5.80 -2.60
C GLY A 863 2.79 -5.05 -3.90
N ASP A 864 2.88 -5.79 -5.01
CA ASP A 864 2.82 -5.18 -6.34
C ASP A 864 1.69 -5.69 -7.20
N GLY A 865 1.29 -6.95 -7.06
CA GLY A 865 0.21 -7.48 -7.88
C GLY A 865 -1.13 -6.91 -7.46
N THR A 866 -2.12 -7.10 -8.35
CA THR A 866 -3.45 -6.61 -8.02
C THR A 866 -4.13 -7.42 -6.93
N ASN A 867 -3.54 -8.55 -6.54
CA ASN A 867 -4.02 -9.27 -5.37
C ASN A 867 -3.92 -8.41 -4.12
N ASP A 868 -2.81 -7.68 -3.98
CA ASP A 868 -2.55 -6.97 -2.74
C ASP A 868 -3.32 -5.66 -2.64
N VAL A 869 -4.02 -5.24 -3.68
CA VAL A 869 -4.65 -3.92 -3.69
C VAL A 869 -5.71 -3.83 -2.59
N GLY A 870 -6.53 -4.86 -2.47
CA GLY A 870 -7.62 -4.82 -1.51
C GLY A 870 -7.13 -4.62 -0.09
N ALA A 871 -6.03 -5.27 0.25
CA ALA A 871 -5.49 -5.14 1.60
C ALA A 871 -4.63 -3.89 1.74
N LEU A 872 -3.98 -3.45 0.65
CA LEU A 872 -3.16 -2.25 0.71
C LEU A 872 -4.00 -1.01 0.98
N LYS A 873 -5.21 -0.98 0.42
CA LYS A 873 -6.07 0.18 0.66
C LYS A 873 -6.39 0.33 2.15
N HIS A 874 -6.64 -0.78 2.84
CA HIS A 874 -6.97 -0.74 4.25
C HIS A 874 -5.74 -0.70 5.16
N ALA A 875 -4.55 -0.93 4.63
CA ALA A 875 -3.36 -0.93 5.47
C ALA A 875 -3.02 0.48 5.95
N ASP A 876 -2.49 0.59 7.16
CA ASP A 876 -2.15 1.89 7.71
C ASP A 876 -1.05 2.56 6.90
N VAL A 877 -0.01 1.81 6.55
CA VAL A 877 1.06 2.29 5.68
C VAL A 877 1.27 1.25 4.61
N GLY A 878 0.71 1.50 3.41
CA GLY A 878 0.78 0.57 2.31
C GLY A 878 1.77 1.05 1.26
N VAL A 879 2.68 0.16 0.88
CA VAL A 879 3.71 0.46 -0.11
C VAL A 879 3.53 -0.50 -1.28
N ALA A 880 3.52 0.05 -2.48
CA ALA A 880 3.42 -0.73 -3.71
C ALA A 880 4.74 -0.68 -4.46
N LEU A 881 5.15 -1.81 -5.03
CA LEU A 881 6.40 -1.93 -5.76
C LEU A 881 6.14 -2.19 -7.23
N LEU A 882 7.22 -2.18 -8.01
CA LEU A 882 7.18 -2.50 -9.43
C LEU A 882 8.18 -3.61 -9.69
N ALA A 883 7.67 -4.81 -9.98
CA ALA A 883 8.54 -5.95 -10.25
C ALA A 883 9.33 -5.75 -11.53
N ASN A 884 10.56 -6.25 -11.55
CA ASN A 884 11.45 -6.19 -12.71
C ASN A 884 11.68 -4.74 -13.16
N ALA A 885 12.28 -3.98 -12.26
CA ALA A 885 12.57 -2.57 -12.53
C ALA A 885 14.04 -2.39 -12.89
N VAL A 949 8.41 2.15 -17.41
CA VAL A 949 7.75 1.31 -16.42
C VAL A 949 6.25 1.34 -16.61
N LYS A 950 5.62 0.16 -16.60
CA LYS A 950 4.18 0.08 -16.82
C LYS A 950 3.39 0.70 -15.67
N LEU A 951 3.95 0.71 -14.46
CA LEU A 951 3.35 1.40 -13.32
C LEU A 951 1.95 0.84 -13.01
N GLY A 952 1.96 -0.43 -12.58
CA GLY A 952 0.77 -1.24 -12.45
C GLY A 952 -0.35 -0.74 -11.56
N ASP A 953 -1.41 -1.55 -11.45
CA ASP A 953 -2.65 -1.11 -10.82
C ASP A 953 -2.48 -0.91 -9.32
N ALA A 954 -1.66 -1.73 -8.67
CA ALA A 954 -1.56 -1.68 -7.21
C ALA A 954 -1.12 -0.32 -6.71
N SER A 955 -0.43 0.47 -7.55
CA SER A 955 -0.01 1.79 -7.11
C SER A 955 -1.18 2.77 -7.06
N ILE A 956 -2.27 2.46 -7.76
CA ILE A 956 -3.41 3.37 -7.80
C ILE A 956 -4.05 3.48 -6.43
N ALA A 957 -4.28 2.34 -5.77
CA ALA A 957 -4.93 2.32 -4.47
C ALA A 957 -3.95 2.17 -3.32
N ALA A 958 -2.66 2.29 -3.57
CA ALA A 958 -1.69 2.25 -2.49
C ALA A 958 -1.31 3.67 -2.09
N PRO A 959 -1.32 3.99 -0.80
CA PRO A 959 -0.91 5.34 -0.38
C PRO A 959 0.51 5.69 -0.79
N PHE A 960 1.40 4.70 -0.86
CA PHE A 960 2.79 4.92 -1.21
C PHE A 960 3.13 4.07 -2.43
N THR A 961 4.02 4.60 -3.27
CA THR A 961 4.45 3.92 -4.48
C THR A 961 5.95 4.15 -4.67
N SER A 962 6.68 3.08 -4.96
CA SER A 962 8.11 3.14 -5.17
C SER A 962 8.44 2.63 -6.57
N LYS A 963 9.39 3.30 -7.22
CA LYS A 963 9.85 2.90 -8.54
C LYS A 963 11.04 1.95 -8.50
N LEU A 964 11.47 1.54 -7.31
CA LEU A 964 12.55 0.57 -7.16
C LEU A 964 11.94 -0.76 -6.75
N SER A 965 12.35 -1.84 -7.45
CA SER A 965 11.78 -3.16 -7.19
C SER A 965 12.18 -3.71 -5.83
N SER A 966 13.21 -3.15 -5.20
CA SER A 966 13.70 -3.69 -3.94
C SER A 966 12.78 -3.33 -2.79
N ILE A 967 12.98 -4.01 -1.67
CA ILE A 967 12.21 -3.75 -0.45
C ILE A 967 12.95 -2.86 0.52
N GLN A 968 14.06 -2.24 0.10
CA GLN A 968 14.72 -1.24 0.93
C GLN A 968 13.84 -0.02 1.15
N CYS A 969 12.82 0.17 0.30
CA CYS A 969 11.88 1.26 0.51
C CYS A 969 11.14 1.12 1.83
N ILE A 970 10.86 -0.11 2.27
CA ILE A 970 10.19 -0.31 3.55
C ILE A 970 11.06 0.20 4.69
N CYS A 971 12.35 -0.13 4.67
CA CYS A 971 13.25 0.35 5.70
C CYS A 971 13.39 1.86 5.67
N HIS A 972 13.51 2.43 4.46
CA HIS A 972 13.60 3.88 4.34
C HIS A 972 12.37 4.57 4.89
N VAL A 973 11.18 4.04 4.58
CA VAL A 973 9.96 4.64 5.06
C VAL A 973 9.84 4.50 6.57
N ILE A 974 10.28 3.37 7.13
CA ILE A 974 10.21 3.21 8.57
C ILE A 974 11.11 4.23 9.25
N LYS A 975 12.32 4.44 8.74
CA LYS A 975 13.21 5.43 9.32
C LYS A 975 12.62 6.84 9.23
N GLN A 976 12.10 7.19 8.05
CA GLN A 976 11.52 8.51 7.87
C GLN A 976 10.31 8.72 8.78
N GLY A 977 9.48 7.69 8.91
CA GLY A 977 8.31 7.80 9.77
C GLY A 977 8.69 7.92 11.23
N ARG A 978 9.73 7.21 11.67
CA ARG A 978 10.18 7.36 13.04
C ARG A 978 10.66 8.79 13.30
N CYS A 979 11.44 9.33 12.36
CA CYS A 979 11.92 10.71 12.54
C CYS A 979 10.75 11.69 12.57
N THR A 980 9.79 11.54 11.65
CA THR A 980 8.65 12.45 11.60
C THR A 980 7.79 12.34 12.85
N LEU A 981 7.56 11.12 13.35
CA LEU A 981 6.76 10.94 14.54
C LEU A 981 7.44 11.57 15.76
N VAL A 982 8.75 11.37 15.90
CA VAL A 982 9.45 11.98 17.02
C VAL A 982 9.39 13.50 16.90
N THR A 983 9.53 14.02 15.69
CA THR A 983 9.42 15.47 15.48
C THR A 983 8.04 15.97 15.88
N THR A 984 6.98 15.23 15.52
CA THR A 984 5.63 15.66 15.86
C THR A 984 5.40 15.64 17.36
N LEU A 985 5.90 14.62 18.06
CA LEU A 985 5.83 14.61 19.52
C LEU A 985 6.53 15.83 20.11
N GLN A 986 7.73 16.13 19.62
CA GLN A 986 8.46 17.30 20.12
C GLN A 986 7.70 18.59 19.84
N MET A 987 7.11 18.69 18.65
CA MET A 987 6.34 19.88 18.30
C MET A 987 5.14 20.05 19.20
N PHE A 988 4.42 18.96 19.49
CA PHE A 988 3.29 19.06 20.40
C PHE A 988 3.74 19.50 21.79
N LYS A 989 4.84 18.93 22.28
CA LYS A 989 5.34 19.31 23.61
C LYS A 989 5.69 20.78 23.65
N ILE A 990 6.47 21.26 22.67
CA ILE A 990 6.92 22.63 22.68
C ILE A 990 5.76 23.59 22.52
N LEU A 991 4.83 23.28 21.60
CA LEU A 991 3.65 24.13 21.43
C LEU A 991 2.84 24.20 22.71
N ALA A 992 2.61 23.07 23.37
CA ALA A 992 1.83 23.08 24.59
C ALA A 992 2.49 23.94 25.66
N LEU A 993 3.80 23.75 25.86
CA LEU A 993 4.47 24.47 26.94
C LEU A 993 4.50 25.97 26.64
N ASN A 994 4.87 26.34 25.41
CA ASN A 994 4.94 27.75 25.06
C ASN A 994 3.56 28.39 25.13
N ALA A 995 2.52 27.70 24.67
CA ALA A 995 1.17 28.24 24.75
C ALA A 995 0.75 28.46 26.18
N LEU A 996 1.02 27.50 27.06
CA LEU A 996 0.68 27.68 28.47
C LEU A 996 1.42 28.86 29.07
N ILE A 997 2.72 28.97 28.80
CA ILE A 997 3.52 30.04 29.39
C ILE A 997 3.03 31.39 28.90
N LEU A 998 2.85 31.52 27.58
CA LEU A 998 2.39 32.79 27.03
C LEU A 998 1.01 33.15 27.53
N ALA A 999 0.10 32.17 27.58
CA ALA A 999 -1.26 32.44 28.01
C ALA A 999 -1.28 32.91 29.46
N TYR A 1000 -0.59 32.20 30.35
CA TYR A 1000 -0.56 32.63 31.74
C TYR A 1000 0.10 33.99 31.89
N SER A 1001 1.24 34.19 31.21
CA SER A 1001 1.95 35.45 31.34
C SER A 1001 1.08 36.61 30.93
N GLN A 1002 0.46 36.52 29.76
CA GLN A 1002 -0.44 37.58 29.32
C GLN A 1002 -1.59 37.76 30.30
N SER A 1003 -2.26 36.67 30.66
CA SER A 1003 -3.47 36.76 31.48
C SER A 1003 -3.19 37.42 32.83
N VAL A 1004 -2.06 37.08 33.46
CA VAL A 1004 -1.78 37.63 34.78
C VAL A 1004 -1.13 39.00 34.70
N LEU A 1005 -0.26 39.25 33.72
CA LEU A 1005 0.51 40.49 33.74
C LEU A 1005 -0.18 41.64 33.00
N TYR A 1006 -0.96 41.36 31.95
CA TYR A 1006 -1.79 42.41 31.39
C TYR A 1006 -2.85 42.83 32.39
N LEU A 1007 -3.34 41.87 33.18
CA LEU A 1007 -4.16 42.21 34.34
C LEU A 1007 -3.36 43.00 35.36
N GLU A 1008 -2.09 42.66 35.52
CA GLU A 1008 -1.18 43.36 36.43
C GLU A 1008 -0.62 44.63 35.82
N GLY A 1009 -0.85 44.86 34.52
CA GLY A 1009 -0.29 46.02 33.85
C GLY A 1009 1.20 45.90 33.56
N VAL A 1010 1.64 44.73 33.12
CA VAL A 1010 3.03 44.50 32.72
C VAL A 1010 2.99 43.95 31.31
N LYS A 1011 3.27 44.79 30.32
CA LYS A 1011 3.22 44.40 28.93
C LYS A 1011 4.49 44.84 28.21
N PHE A 1012 4.88 44.07 27.20
CA PHE A 1012 6.03 44.43 26.38
C PHE A 1012 5.62 45.41 25.30
N SER A 1013 6.58 46.22 24.84
CA SER A 1013 6.34 47.04 23.68
C SER A 1013 6.26 46.17 22.44
N ASP A 1014 5.71 46.74 21.36
CA ASP A 1014 5.45 45.95 20.16
C ASP A 1014 6.73 45.41 19.54
N PHE A 1015 7.86 46.11 19.70
CA PHE A 1015 9.09 45.68 19.07
C PHE A 1015 9.58 44.35 19.65
N GLN A 1016 9.64 44.25 20.97
CA GLN A 1016 10.10 43.02 21.60
C GLN A 1016 9.13 41.87 21.39
N ALA A 1017 7.82 42.15 21.38
CA ALA A 1017 6.85 41.12 21.06
C ALA A 1017 7.03 40.62 19.63
N THR A 1018 7.30 41.52 18.70
CA THR A 1018 7.58 41.12 17.32
C THR A 1018 8.83 40.26 17.25
N LEU A 1019 9.86 40.61 18.01
CA LEU A 1019 11.06 39.79 18.06
C LEU A 1019 10.73 38.40 18.61
N GLN A 1020 9.92 38.33 19.65
CA GLN A 1020 9.48 37.05 20.19
C GLN A 1020 8.78 36.21 19.14
N GLY A 1021 7.82 36.81 18.43
CA GLY A 1021 7.08 36.06 17.43
C GLY A 1021 7.95 35.56 16.30
N LEU A 1022 8.82 36.43 15.77
CA LEU A 1022 9.67 36.02 14.66
C LEU A 1022 10.67 34.95 15.09
N LEU A 1023 11.26 35.08 16.27
CA LEU A 1023 12.19 34.07 16.74
C LEU A 1023 11.49 32.73 16.93
N LEU A 1024 10.29 32.74 17.52
CA LEU A 1024 9.54 31.50 17.69
C LEU A 1024 9.22 30.86 16.35
N ALA A 1025 8.75 31.65 15.39
CA ALA A 1025 8.42 31.09 14.09
C ALA A 1025 9.64 30.49 13.41
N GLY A 1026 10.77 31.20 13.48
CA GLY A 1026 11.99 30.68 12.87
C GLY A 1026 12.45 29.39 13.52
N CYS A 1027 12.39 29.32 14.86
CA CYS A 1027 12.88 28.13 15.53
C CYS A 1027 11.96 26.94 15.29
N PHE A 1028 10.65 27.18 15.20
CA PHE A 1028 9.75 26.09 14.80
C PHE A 1028 10.04 25.62 13.38
N LEU A 1029 10.24 26.56 12.45
CA LEU A 1029 10.56 26.15 11.08
C LEU A 1029 11.86 25.36 11.04
N PHE A 1030 12.79 25.66 11.95
CA PHE A 1030 14.04 24.91 11.99
C PHE A 1030 13.85 23.52 12.57
N ILE A 1031 13.07 23.38 13.64
CA ILE A 1031 12.87 22.05 14.21
C ILE A 1031 12.04 21.19 13.27
N SER A 1032 11.16 21.80 12.47
CA SER A 1032 10.32 21.01 11.56
C SER A 1032 11.14 20.39 10.44
N ARG A 1033 12.32 20.94 10.16
CA ARG A 1033 13.17 20.48 9.06
C ARG A 1033 14.28 19.54 9.54
N SER A 1034 14.00 18.68 10.52
CA SER A 1034 15.02 17.78 11.02
C SER A 1034 15.38 16.72 9.99
N LYS A 1035 16.56 16.16 10.14
CA LYS A 1035 16.99 15.09 9.25
C LYS A 1035 17.08 13.77 10.02
N PRO A 1036 16.80 12.65 9.35
CA PRO A 1036 16.84 11.35 10.03
C PRO A 1036 18.20 10.67 9.93
N LEU A 1037 18.45 9.77 10.88
CA LEU A 1037 19.70 9.05 10.92
C LEU A 1037 19.70 7.91 9.91
N LYS A 1038 20.90 7.41 9.60
CA LYS A 1038 21.05 6.39 8.57
C LYS A 1038 20.59 5.02 9.06
N THR A 1039 20.79 4.71 10.33
CA THR A 1039 20.49 3.40 10.87
C THR A 1039 19.44 3.49 11.96
N LEU A 1040 18.48 2.57 11.92
CA LEU A 1040 17.45 2.48 12.95
C LEU A 1040 17.99 1.77 14.19
N SER A 1041 17.20 1.81 15.26
CA SER A 1041 17.61 1.29 16.55
C SER A 1041 16.55 0.35 17.11
N ARG A 1042 16.93 -0.39 18.14
CA ARG A 1042 16.02 -1.35 18.75
C ARG A 1042 14.93 -0.66 19.58
N GLU A 1043 15.23 0.51 20.14
CA GLU A 1043 14.25 1.21 20.95
C GLU A 1043 13.04 1.60 20.12
N ARG A 1044 11.88 1.59 20.76
CA ARG A 1044 10.63 1.89 20.08
C ARG A 1044 10.19 3.30 20.37
N PRO A 1045 9.65 4.02 19.40
CA PRO A 1045 9.13 5.38 19.66
C PRO A 1045 7.88 5.33 20.52
N LEU A 1046 7.59 6.47 21.14
CA LEU A 1046 6.35 6.62 21.87
C LEU A 1046 5.18 6.47 20.90
N PRO A 1047 4.21 5.59 21.19
CA PRO A 1047 3.11 5.39 20.24
C PRO A 1047 2.32 6.66 19.94
N ASN A 1048 2.13 7.53 20.92
CA ASN A 1048 1.33 8.72 20.73
C ASN A 1048 1.65 9.74 21.80
N ILE A 1049 1.16 10.97 21.59
CA ILE A 1049 1.30 12.03 22.58
C ILE A 1049 0.55 11.71 23.87
N PHE A 1050 -0.38 10.76 23.82
CA PHE A 1050 -1.22 10.44 24.99
C PHE A 1050 -0.56 9.33 25.81
N ASN A 1051 0.52 9.70 26.49
CA ASN A 1051 1.17 8.85 27.45
C ASN A 1051 1.45 9.64 28.73
N LEU A 1052 1.70 8.92 29.82
CA LEU A 1052 1.96 9.58 31.09
C LEU A 1052 3.20 10.46 31.02
N TYR A 1053 4.20 10.04 30.25
CA TYR A 1053 5.45 10.76 30.18
C TYR A 1053 5.24 12.17 29.64
N THR A 1054 4.53 12.30 28.53
CA THR A 1054 4.38 13.60 27.89
C THR A 1054 3.65 14.59 28.80
N ILE A 1055 2.50 14.17 29.34
CA ILE A 1055 1.72 15.05 30.19
C ILE A 1055 2.51 15.42 31.43
N LEU A 1056 3.15 14.43 32.05
CA LEU A 1056 3.88 14.69 33.28
C LEU A 1056 5.05 15.62 33.05
N THR A 1057 5.80 15.42 31.96
CA THR A 1057 6.95 16.28 31.72
C THR A 1057 6.53 17.69 31.34
N VAL A 1058 5.44 17.83 30.58
CA VAL A 1058 4.96 19.17 30.24
C VAL A 1058 4.52 19.91 31.50
N MET A 1059 3.75 19.24 32.36
CA MET A 1059 3.30 19.88 33.59
C MET A 1059 4.47 20.21 34.51
N LEU A 1060 5.42 19.28 34.66
CA LEU A 1060 6.52 19.52 35.59
C LEU A 1060 7.41 20.66 35.09
N GLN A 1061 7.69 20.70 33.79
CA GLN A 1061 8.43 21.84 33.25
C GLN A 1061 7.64 23.13 33.44
N PHE A 1062 6.31 23.07 33.30
CA PHE A 1062 5.51 24.27 33.52
C PHE A 1062 5.66 24.77 34.95
N PHE A 1063 5.59 23.87 35.93
CA PHE A 1063 5.74 24.32 37.32
C PHE A 1063 7.15 24.82 37.61
N VAL A 1064 8.17 24.13 37.12
CA VAL A 1064 9.54 24.55 37.45
C VAL A 1064 9.84 25.90 36.82
N HIS A 1065 9.27 26.16 35.63
CA HIS A 1065 9.46 27.46 35.00
C HIS A 1065 8.59 28.53 35.67
N PHE A 1066 7.39 28.14 36.12
CA PHE A 1066 6.48 29.05 36.80
C PHE A 1066 7.08 29.57 38.10
N LEU A 1067 7.71 28.68 38.87
CA LEU A 1067 8.32 29.12 40.12
C LEU A 1067 9.38 30.18 39.86
N SER A 1068 10.21 29.97 38.84
CA SER A 1068 11.26 30.94 38.53
C SER A 1068 10.67 32.26 38.03
N LEU A 1069 9.63 32.19 37.20
CA LEU A 1069 9.00 33.41 36.72
C LEU A 1069 8.39 34.21 37.87
N VAL A 1070 7.72 33.52 38.80
CA VAL A 1070 7.15 34.21 39.95
C VAL A 1070 8.24 34.80 40.83
N TYR A 1071 9.33 34.06 41.03
CA TYR A 1071 10.43 34.59 41.84
C TYR A 1071 11.03 35.84 41.22
N LEU A 1072 11.25 35.82 39.90
CA LEU A 1072 11.78 36.99 39.23
C LEU A 1072 10.83 38.17 39.31
N TYR A 1073 9.53 37.91 39.10
CA TYR A 1073 8.56 39.00 39.20
C TYR A 1073 8.52 39.59 40.60
N ARG A 1074 8.53 38.77 41.63
CA ARG A 1074 8.49 39.27 42.99
C ARG A 1074 9.77 40.04 43.33
N GLU A 1075 10.91 39.54 42.87
CA GLU A 1075 12.18 40.24 43.07
C GLU A 1075 12.16 41.60 42.41
N ALA A 1076 11.58 41.71 41.20
CA ALA A 1076 11.49 43.00 40.54
C ALA A 1076 10.49 43.92 41.22
N GLN A 1077 9.37 43.37 41.68
CA GLN A 1077 8.31 44.20 42.25
C GLN A 1077 8.70 44.76 43.60
N ALA A 1078 9.38 43.96 44.44
CA ALA A 1078 9.69 44.40 45.80
C ALA A 1078 10.54 45.66 45.82
N ARG A 1079 11.23 45.94 44.72
CA ARG A 1079 12.13 47.09 44.65
C ARG A 1079 11.61 48.21 43.76
N SER A 1080 10.60 47.94 42.93
CA SER A 1080 10.01 48.97 42.09
C SER A 1080 9.28 50.00 42.97
N PRO A 1081 9.21 51.26 42.52
CA PRO A 1081 8.49 52.27 43.29
C PRO A 1081 7.03 51.88 43.48
N GLU A 1082 6.51 52.18 44.67
CA GLU A 1082 5.18 51.72 45.04
C GLU A 1082 4.11 52.34 44.15
N LYS A 1083 3.11 51.53 43.82
CA LYS A 1083 2.12 51.93 42.81
C LYS A 1083 1.27 53.09 43.31
N GLN A 1084 0.99 54.04 42.41
CA GLN A 1084 0.20 55.21 42.75
C GLN A 1084 -1.29 55.02 42.49
N GLU A 1085 -1.68 54.02 41.71
CA GLU A 1085 -3.08 53.75 41.40
C GLU A 1085 -3.47 52.38 41.92
N GLN A 1086 -4.58 52.31 42.66
CA GLN A 1086 -5.08 51.03 43.11
C GLN A 1086 -5.49 50.14 41.94
N PHE A 1087 -6.16 50.72 40.95
CA PHE A 1087 -6.57 50.01 39.76
C PHE A 1087 -5.44 50.02 38.72
N VAL A 1088 -5.68 49.36 37.59
CA VAL A 1088 -4.71 49.26 36.52
C VAL A 1088 -5.36 49.80 35.24
N ASP A 1089 -4.64 50.69 34.55
CA ASP A 1089 -5.09 51.24 33.28
C ASP A 1089 -4.61 50.33 32.17
N LEU A 1090 -5.55 49.65 31.50
CA LEU A 1090 -5.20 48.63 30.53
C LEU A 1090 -4.67 49.20 29.21
N TYR A 1091 -5.13 50.39 28.80
CA TYR A 1091 -4.65 51.00 27.56
C TYR A 1091 -3.61 52.09 27.78
N LYS A 1092 -3.04 52.19 28.97
CA LYS A 1092 -1.93 53.10 29.16
C LYS A 1092 -0.75 52.64 28.30
N GLU A 1093 -0.10 53.60 27.66
CA GLU A 1093 0.96 53.27 26.72
C GLU A 1093 2.17 52.69 27.46
N PHE A 1094 3.02 52.02 26.70
CA PHE A 1094 4.18 51.34 27.27
C PHE A 1094 5.16 52.33 27.88
N GLU A 1095 5.71 51.96 29.04
CA GLU A 1095 6.74 52.74 29.69
C GLU A 1095 7.82 51.78 30.19
N PRO A 1096 9.09 52.03 29.88
CA PRO A 1096 10.15 51.12 30.34
C PRO A 1096 10.21 51.09 31.87
N SER A 1097 10.57 49.92 32.39
CA SER A 1097 10.58 49.71 33.83
C SER A 1097 11.49 48.54 34.16
N LEU A 1098 11.64 48.28 35.46
CA LEU A 1098 12.36 47.10 35.90
C LEU A 1098 11.54 45.84 35.71
N VAL A 1099 10.25 45.90 36.06
CA VAL A 1099 9.41 44.70 36.07
C VAL A 1099 9.21 44.16 34.67
N ASN A 1100 8.85 45.03 33.72
CA ASN A 1100 8.62 44.58 32.35
C ASN A 1100 9.89 44.01 31.73
N SER A 1101 11.04 44.66 31.99
CA SER A 1101 12.31 44.15 31.47
C SER A 1101 12.61 42.78 32.06
N THR A 1102 12.38 42.61 33.36
CA THR A 1102 12.62 41.31 33.99
C THR A 1102 11.74 40.24 33.38
N VAL A 1103 10.46 40.56 33.15
CA VAL A 1103 9.55 39.59 32.55
C VAL A 1103 9.99 39.22 31.15
N TYR A 1104 10.42 40.21 30.36
CA TYR A 1104 10.88 39.92 29.00
C TYR A 1104 12.12 39.04 29.01
N ILE A 1105 13.07 39.32 29.91
CA ILE A 1105 14.26 38.48 30.00
C ILE A 1105 13.87 37.06 30.37
N MET A 1106 12.94 36.91 31.32
CA MET A 1106 12.52 35.59 31.75
C MET A 1106 11.82 34.84 30.61
N ALA A 1107 11.02 35.55 29.82
CA ALA A 1107 10.32 34.89 28.71
C ALA A 1107 11.29 34.42 27.63
N MET A 1108 12.29 35.25 27.30
CA MET A 1108 13.29 34.80 26.32
C MET A 1108 14.09 33.61 26.85
N ALA A 1109 14.45 33.64 28.13
CA ALA A 1109 15.08 32.47 28.73
C ALA A 1109 14.17 31.26 28.66
N MET A 1110 12.86 31.49 28.81
CA MET A 1110 11.88 30.41 28.73
C MET A 1110 11.94 29.73 27.38
N GLN A 1111 11.86 30.53 26.31
CA GLN A 1111 11.90 29.97 24.96
C GLN A 1111 13.21 29.25 24.69
N MET A 1112 14.32 29.88 25.06
CA MET A 1112 15.63 29.27 24.86
C MET A 1112 15.70 27.91 25.54
N ALA A 1113 15.31 27.86 26.82
CA ALA A 1113 15.40 26.62 27.57
C ALA A 1113 14.50 25.55 26.98
N THR A 1114 13.29 25.91 26.55
CA THR A 1114 12.36 24.91 26.04
C THR A 1114 12.89 24.30 24.75
N PHE A 1115 13.30 25.14 23.79
CA PHE A 1115 13.80 24.58 22.53
C PHE A 1115 15.11 23.84 22.73
N ALA A 1116 15.87 24.17 23.77
CA ALA A 1116 17.06 23.38 24.05
C ALA A 1116 16.71 22.05 24.68
N ILE A 1117 15.66 22.00 25.50
CA ILE A 1117 15.42 20.83 26.34
C ILE A 1117 14.61 19.77 25.61
N ASN A 1118 13.57 20.17 24.87
CA ASN A 1118 12.64 19.18 24.38
C ASN A 1118 13.04 18.58 23.03
N TYR A 1119 14.32 18.60 22.69
CA TYR A 1119 14.82 17.99 21.47
C TYR A 1119 15.27 16.57 21.81
N LYS A 1120 14.40 15.60 21.60
CA LYS A 1120 14.74 14.19 21.83
C LYS A 1120 15.66 13.74 20.72
N GLY A 1121 16.95 13.62 21.03
CA GLY A 1121 17.96 13.40 20.02
C GLY A 1121 18.10 11.95 19.59
N PRO A 1122 19.34 11.46 19.58
CA PRO A 1122 19.59 10.09 19.12
C PRO A 1122 18.94 9.08 20.04
N PRO A 1123 18.76 7.83 19.57
CA PRO A 1123 19.16 7.31 18.26
C PRO A 1123 18.07 7.47 17.22
N PHE A 1124 17.05 8.25 17.56
CA PHE A 1124 15.85 8.30 16.74
C PHE A 1124 15.94 9.37 15.67
N MET A 1125 16.73 10.41 15.90
CA MET A 1125 16.84 11.53 14.98
C MET A 1125 18.18 12.18 15.21
N GLU A 1126 18.58 13.04 14.27
CA GLU A 1126 19.93 13.59 14.28
C GLU A 1126 20.19 14.37 15.55
N SER A 1127 21.45 14.36 15.98
CA SER A 1127 21.83 15.03 17.22
C SER A 1127 21.61 16.53 17.10
N LEU A 1128 21.50 17.18 18.26
CA LEU A 1128 21.26 18.62 18.29
C LEU A 1128 22.31 19.41 17.53
N PRO A 1129 23.63 19.18 17.71
CA PRO A 1129 24.60 19.97 16.95
C PRO A 1129 24.49 19.82 15.45
N GLU A 1130 23.98 18.69 14.96
CA GLU A 1130 23.93 18.47 13.52
C GLU A 1130 22.94 19.41 12.83
N ASN A 1131 21.85 19.75 13.50
CA ASN A 1131 20.83 20.63 12.91
C ASN A 1131 21.35 22.04 12.92
N LYS A 1132 22.13 22.39 11.89
CA LYS A 1132 22.83 23.67 11.89
C LYS A 1132 21.91 24.89 11.95
N PRO A 1133 20.81 24.98 11.19
CA PRO A 1133 19.92 26.14 11.37
C PRO A 1133 19.39 26.26 12.80
N LEU A 1134 19.04 25.14 13.41
CA LEU A 1134 18.56 25.17 14.79
C LEU A 1134 19.66 25.58 15.76
N VAL A 1135 20.88 25.10 15.52
CA VAL A 1135 22.00 25.49 16.37
C VAL A 1135 22.22 27.00 16.28
N TRP A 1136 22.18 27.54 15.06
CA TRP A 1136 22.37 28.97 14.88
C TRP A 1136 21.24 29.76 15.54
N SER A 1137 20.00 29.27 15.43
CA SER A 1137 18.88 29.98 16.03
C SER A 1137 19.01 30.02 17.55
N LEU A 1138 19.30 28.87 18.18
CA LEU A 1138 19.45 28.85 19.63
C LEU A 1138 20.65 29.67 20.06
N ALA A 1139 21.73 29.63 19.28
CA ALA A 1139 22.91 30.42 19.63
C ALA A 1139 22.63 31.91 19.58
N VAL A 1140 21.92 32.37 18.53
CA VAL A 1140 21.64 33.80 18.43
C VAL A 1140 20.65 34.22 19.50
N SER A 1141 19.69 33.34 19.86
CA SER A 1141 18.79 33.66 20.95
C SER A 1141 19.55 33.79 22.27
N LEU A 1142 20.46 32.86 22.55
CA LEU A 1142 21.25 32.93 23.78
C LEU A 1142 22.12 34.16 23.79
N LEU A 1143 22.71 34.52 22.64
CA LEU A 1143 23.54 35.72 22.56
C LEU A 1143 22.71 36.96 22.81
N ALA A 1144 21.49 37.01 22.28
CA ALA A 1144 20.62 38.16 22.53
C ALA A 1144 20.26 38.25 24.00
N ILE A 1145 19.95 37.10 24.63
CA ILE A 1145 19.63 37.11 26.06
C ILE A 1145 20.81 37.60 26.87
N ILE A 1146 22.02 37.11 26.55
CA ILE A 1146 23.21 37.51 27.30
C ILE A 1146 23.49 38.99 27.11
N GLY A 1147 23.33 39.49 25.87
CA GLY A 1147 23.56 40.91 25.64
C GLY A 1147 22.57 41.80 26.36
N LEU A 1148 21.29 41.41 26.35
CA LEU A 1148 20.29 42.17 27.09
C LEU A 1148 20.59 42.14 28.58
N LEU A 1149 21.02 40.99 29.09
CA LEU A 1149 21.39 40.89 30.50
C LEU A 1149 22.56 41.80 30.83
N LEU A 1150 23.59 41.79 29.98
CA LEU A 1150 24.76 42.63 30.24
C LEU A 1150 24.48 44.09 29.95
N GLY A 1151 23.77 44.38 28.86
CA GLY A 1151 23.47 45.75 28.49
C GLY A 1151 24.71 46.57 28.19
N SER A 1152 25.62 45.99 27.40
CA SER A 1152 26.87 46.68 27.10
C SER A 1152 26.63 47.98 26.34
N SER A 1153 25.69 47.97 25.38
CA SER A 1153 25.42 49.14 24.57
C SER A 1153 24.19 49.85 25.11
N PRO A 1154 24.31 51.07 25.65
CA PRO A 1154 23.11 51.81 26.07
C PRO A 1154 22.16 52.07 24.93
N ASP A 1155 22.67 52.29 23.71
CA ASP A 1155 21.79 52.45 22.57
C ASP A 1155 20.99 51.19 22.29
N PHE A 1156 21.59 50.02 22.55
CA PHE A 1156 20.91 48.75 22.29
C PHE A 1156 19.64 48.64 23.12
N ASN A 1157 19.78 48.62 24.45
CA ASN A 1157 18.60 48.51 25.30
C ASN A 1157 17.75 49.76 25.29
N SER A 1158 18.31 50.90 24.88
CA SER A 1158 17.48 52.08 24.66
C SER A 1158 16.51 51.85 23.51
N GLN A 1159 17.00 51.25 22.42
CA GLN A 1159 16.11 50.89 21.31
C GLN A 1159 15.09 49.85 21.77
N PHE A 1160 15.51 48.88 22.56
CA PHE A 1160 14.59 47.90 23.13
C PHE A 1160 13.73 48.48 24.24
N GLY A 1161 14.01 49.70 24.68
CA GLY A 1161 13.20 50.34 25.70
C GLY A 1161 13.28 49.63 27.04
N LEU A 1162 14.49 49.24 27.43
CA LEU A 1162 14.74 48.60 28.71
C LEU A 1162 15.71 49.46 29.50
N VAL A 1163 15.30 49.88 30.70
CA VAL A 1163 16.19 50.62 31.57
C VAL A 1163 17.25 49.68 32.12
N ASP A 1164 18.45 50.21 32.34
CA ASP A 1164 19.52 49.39 32.91
C ASP A 1164 19.19 48.95 34.33
N ILE A 1165 19.65 47.75 34.68
CA ILE A 1165 19.43 47.21 36.02
C ILE A 1165 20.79 47.10 36.71
N PRO A 1166 20.87 47.39 38.02
CA PRO A 1166 22.15 47.29 38.73
C PRO A 1166 22.75 45.89 38.64
N VAL A 1167 24.08 45.84 38.64
CA VAL A 1167 24.80 44.59 38.51
C VAL A 1167 24.51 43.67 39.70
N GLU A 1168 24.32 44.26 40.89
CA GLU A 1168 23.95 43.48 42.06
C GLU A 1168 22.67 42.68 41.83
N PHE A 1169 21.79 43.18 40.96
CA PHE A 1169 20.53 42.53 40.66
C PHE A 1169 20.65 41.64 39.44
N LYS A 1170 21.56 42.00 38.53
CA LYS A 1170 21.97 41.10 37.47
C LYS A 1170 22.45 39.78 38.03
N LEU A 1171 23.17 39.82 39.16
CA LEU A 1171 23.65 38.59 39.76
C LEU A 1171 22.50 37.65 40.11
N VAL A 1172 21.47 38.17 40.78
CA VAL A 1172 20.38 37.29 41.22
C VAL A 1172 19.56 36.83 40.03
N ILE A 1173 19.34 37.71 39.04
CA ILE A 1173 18.55 37.27 37.88
C ILE A 1173 19.29 36.19 37.10
N ALA A 1174 20.61 36.34 36.95
CA ALA A 1174 21.39 35.32 36.27
C ALA A 1174 21.40 34.01 37.05
N GLN A 1175 21.52 34.09 38.38
CA GLN A 1175 21.52 32.88 39.20
C GLN A 1175 20.20 32.14 39.07
N VAL A 1176 19.08 32.87 39.14
CA VAL A 1176 17.79 32.18 39.06
C VAL A 1176 17.55 31.65 37.65
N LEU A 1177 18.04 32.35 36.62
CA LEU A 1177 17.91 31.84 35.25
C LEU A 1177 18.66 30.52 35.10
N LEU A 1178 19.91 30.48 35.55
CA LEU A 1178 20.69 29.26 35.46
C LEU A 1178 20.06 28.15 36.29
N LEU A 1179 19.53 28.49 37.47
CA LEU A 1179 18.88 27.49 38.30
C LEU A 1179 17.66 26.90 37.60
N ASP A 1180 16.85 27.75 36.96
CA ASP A 1180 15.68 27.26 36.25
C ASP A 1180 16.08 26.34 35.10
N PHE A 1181 17.08 26.75 34.31
CA PHE A 1181 17.54 25.92 33.21
C PHE A 1181 18.03 24.57 33.70
N CYS A 1182 18.89 24.57 34.73
CA CYS A 1182 19.45 23.32 35.23
C CYS A 1182 18.38 22.43 35.82
N LEU A 1183 17.44 23.01 36.58
CA LEU A 1183 16.37 22.21 37.16
C LEU A 1183 15.50 21.60 36.09
N ALA A 1184 15.17 22.36 35.04
CA ALA A 1184 14.36 21.82 33.96
C ALA A 1184 15.06 20.65 33.29
N LEU A 1185 16.33 20.83 32.91
CA LEU A 1185 17.07 19.75 32.27
C LEU A 1185 17.18 18.53 33.17
N LEU A 1186 17.54 18.75 34.43
CA LEU A 1186 17.72 17.61 35.35
C LEU A 1186 16.42 16.84 35.51
N ALA A 1187 15.31 17.56 35.72
CA ALA A 1187 14.03 16.89 35.93
C ALA A 1187 13.58 16.15 34.68
N ASP A 1188 13.74 16.78 33.52
CA ASP A 1188 13.32 16.12 32.28
C ASP A 1188 14.14 14.86 32.02
N ARG A 1189 15.45 14.93 32.21
CA ARG A 1189 16.29 13.76 31.97
C ARG A 1189 16.03 12.67 33.00
N VAL A 1190 15.78 13.05 34.26
CA VAL A 1190 15.49 12.05 35.28
C VAL A 1190 14.17 11.34 34.96
N LEU A 1191 13.15 12.09 34.55
CA LEU A 1191 11.88 11.48 34.20
C LEU A 1191 12.04 10.58 32.97
N GLN A 1192 12.85 11.02 32.00
CA GLN A 1192 13.08 10.19 30.82
C GLN A 1192 13.78 8.89 31.19
N PHE A 1193 14.76 8.95 32.09
CA PHE A 1193 15.46 7.75 32.53
C PHE A 1193 14.51 6.81 33.27
N PHE A 1194 13.65 7.36 34.13
CA PHE A 1194 12.78 6.51 34.93
C PHE A 1194 11.68 5.88 34.11
N LEU A 1195 11.04 6.65 33.23
CA LEU A 1195 9.91 6.17 32.44
C LEU A 1195 10.24 6.06 30.95
N GLY A 1196 11.46 5.62 30.64
CA GLY A 1196 11.86 5.43 29.25
C GLY A 1196 11.29 4.18 28.63
#